data_1KZP
#
_entry.id   1KZP
#
_cell.length_a   171.239
_cell.length_b   171.239
_cell.length_c   69.361
_cell.angle_alpha   90.00
_cell.angle_beta   90.00
_cell.angle_gamma   120.00
#
_symmetry.space_group_name_H-M   'P 61'
#
loop_
_entity.id
_entity.type
_entity.pdbx_description
1 polymer 'Protein Farnesyltransferase alpha subunit'
2 polymer 'Protein Farnesyltransferase beta subunit'
3 polymer 'Farnesylated K-Ras4B peptide product'
4 non-polymer 'ZINC ION'
5 non-polymer 'ACETIC ACID'
6 non-polymer FARNESYL
7 water water
#
loop_
_entity_poly.entity_id
_entity_poly.type
_entity_poly.pdbx_seq_one_letter_code
_entity_poly.pdbx_strand_id
1 'polypeptide(L)'
;MAATEGVGESAPGGEPGQPEQPPPPPPPPPAQQPQEEEMAAEAGEAAASPMDDGFLSLDSPTYVLYRDRAEWADIDPVPQ
NDGPSPVVQIIYSEKFRDVYDYFRAVLQRDERSERAFKLTRDAIELNAANYTVWHFRRVLLRSLQKDLQEEMNYIIAIIE
EQPKNYQVWHHRRVLVEWLKDPSQELEFIADILNQDAKNYHAWQHRQWVIQEFRLWDNELQYVDQLLKEDVRNNSVWNQR
HFVISNTTGYSDRAVLEREVQYTLEMIKLVPHNESAWNYLKGILQDRGLSRYPNLLNQLLDLQPSHSSPYLIAFLVDIYE
DMLENQCDNKEDILNKALELCEILAKEKDTIRKEYWRYIGRSLQSKHSRESDIPASV
;
A
2 'polypeptide(L)'
;MASSSSFTYYCPPSSSPVWSEPLYSLRPEHARERLQDDSVETVTSIEQAKVEEKIQEVFSSYKFNHLVPRLVLQREKHFH
YLKRGLRQLTDAYECLDASRPWLCYWILHSLELLDEPIPQIVATDVCQFLELCQSPDGGFGGGPGQYPHLAPTYAAVNAL
CIIGTEEAYNVINREKLLQYLYSLKQPDGSFLMHVGGEVDVRSAYCAASVASLTNIITPDLFEGTAEWIARCQNWEGGIG
GVPGMEAHGGYTFCGLAALVILKKERSLNLKSLLQWVTSRQMRFEGGFQGRCNKLVDGCYSFWQAGLLPLLHRALHAQGD
PALSMSHWMFHQQALQEYILMCCQCPAGGLLDKPGKSRDFYHTCYCLSGLSIAQHFGSGAMLHDVVMGVPENVLQPTHPV
YNIGPDKVIQATTHFLQKPVPGFEECEDAVTSDPATD
;
B
3 'polypeptide(L)' KKKSKTKCVIM C
#
# COMPACT_ATOMS: atom_id res chain seq x y z
N PHE A 55 -28.10 -2.94 -25.29
CA PHE A 55 -28.18 -2.86 -26.77
C PHE A 55 -26.93 -3.44 -27.41
N LEU A 56 -26.10 -2.61 -28.04
CA LEU A 56 -24.90 -3.09 -28.71
C LEU A 56 -23.64 -3.18 -27.86
N SER A 57 -23.35 -4.38 -27.39
CA SER A 57 -22.17 -4.61 -26.56
C SER A 57 -20.87 -4.22 -27.25
N LEU A 58 -19.93 -3.80 -26.42
CA LEU A 58 -18.62 -3.35 -26.88
C LEU A 58 -17.86 -4.50 -27.54
N ASP A 59 -18.23 -5.74 -27.20
CA ASP A 59 -17.58 -6.92 -27.79
C ASP A 59 -18.39 -7.64 -28.86
N SER A 60 -19.54 -7.07 -29.19
CA SER A 60 -20.43 -7.61 -30.19
C SER A 60 -19.68 -7.67 -31.53
N PRO A 61 -19.84 -8.77 -32.28
CA PRO A 61 -19.16 -8.91 -33.59
C PRO A 61 -19.58 -7.78 -34.53
N THR A 62 -20.82 -7.31 -34.35
CA THR A 62 -21.40 -6.25 -35.18
C THR A 62 -21.35 -4.85 -34.54
N TYR A 63 -20.48 -4.67 -33.55
CA TYR A 63 -20.33 -3.39 -32.89
C TYR A 63 -19.84 -2.40 -33.94
N VAL A 64 -20.40 -1.19 -33.90
CA VAL A 64 -20.06 -0.14 -34.85
C VAL A 64 -19.54 1.10 -34.09
N LEU A 65 -18.53 1.78 -34.64
CA LEU A 65 -18.01 2.96 -33.97
C LEU A 65 -19.10 4.02 -33.90
N TYR A 66 -19.05 4.85 -32.87
CA TYR A 66 -20.04 5.92 -32.73
C TYR A 66 -20.04 6.89 -33.92
N ARG A 67 -18.87 7.15 -34.52
CA ARG A 67 -18.82 8.07 -35.66
C ARG A 67 -19.53 7.50 -36.89
N ASP A 68 -19.93 6.24 -36.83
CA ASP A 68 -20.63 5.58 -37.93
C ASP A 68 -22.08 5.27 -37.54
N ARG A 69 -22.56 5.86 -36.44
CA ARG A 69 -23.94 5.65 -36.00
C ARG A 69 -24.79 6.85 -36.39
N ALA A 70 -25.84 6.62 -37.17
CA ALA A 70 -26.74 7.67 -37.64
C ALA A 70 -27.33 8.48 -36.49
N GLU A 71 -27.83 7.79 -35.46
CA GLU A 71 -28.43 8.43 -34.29
C GLU A 71 -27.48 9.32 -33.48
N TRP A 72 -26.22 9.44 -33.90
CA TRP A 72 -25.25 10.28 -33.23
C TRP A 72 -24.71 11.29 -34.22
N ALA A 73 -25.33 11.40 -35.40
CA ALA A 73 -24.84 12.32 -36.44
C ALA A 73 -24.85 13.81 -36.09
N ASP A 74 -25.74 14.21 -35.19
CA ASP A 74 -25.85 15.61 -34.78
C ASP A 74 -24.73 16.12 -33.88
N ILE A 75 -24.06 15.20 -33.20
CA ILE A 75 -22.99 15.52 -32.26
C ILE A 75 -21.61 15.55 -32.89
N ASP A 76 -20.81 16.55 -32.55
CA ASP A 76 -19.43 16.60 -33.04
C ASP A 76 -18.59 16.03 -31.91
N PRO A 77 -17.89 14.92 -32.16
CA PRO A 77 -17.07 14.37 -31.10
C PRO A 77 -16.03 15.41 -30.71
N VAL A 78 -15.60 15.37 -29.45
CA VAL A 78 -14.63 16.32 -28.94
C VAL A 78 -13.34 15.56 -28.66
N PRO A 79 -12.32 15.80 -29.48
CA PRO A 79 -11.03 15.11 -29.30
C PRO A 79 -10.35 15.54 -28.00
N GLN A 80 -9.44 14.69 -27.52
CA GLN A 80 -8.74 14.97 -26.29
C GLN A 80 -7.73 16.09 -26.46
N ASN A 81 -7.80 17.03 -25.53
CA ASN A 81 -6.93 18.21 -25.49
C ASN A 81 -5.56 17.90 -24.86
N ASP A 82 -4.70 17.20 -25.58
CA ASP A 82 -3.38 16.85 -25.06
C ASP A 82 -2.29 17.91 -25.21
N GLY A 83 -2.58 18.94 -25.99
CA GLY A 83 -1.61 20.00 -26.19
C GLY A 83 -0.77 19.80 -27.44
N PRO A 84 0.08 20.79 -27.77
CA PRO A 84 0.99 20.84 -28.92
C PRO A 84 1.99 19.69 -28.97
N SER A 85 2.59 19.34 -27.84
CA SER A 85 3.55 18.24 -27.78
C SER A 85 3.35 17.42 -26.51
N PRO A 86 2.45 16.43 -26.60
CA PRO A 86 2.08 15.52 -25.53
C PRO A 86 3.19 14.77 -24.83
N VAL A 87 2.94 14.45 -23.57
CA VAL A 87 3.83 13.63 -22.76
C VAL A 87 2.91 12.47 -22.32
N VAL A 88 3.49 11.33 -22.01
CA VAL A 88 2.72 10.13 -21.62
C VAL A 88 1.48 9.97 -22.47
N GLN A 89 1.63 10.22 -23.77
CA GLN A 89 0.52 10.12 -24.69
C GLN A 89 0.23 8.67 -25.00
N ILE A 90 -0.99 8.26 -24.73
CA ILE A 90 -1.40 6.88 -24.97
C ILE A 90 -1.93 6.73 -26.39
N ILE A 91 -1.39 5.76 -27.12
CA ILE A 91 -1.86 5.50 -28.49
C ILE A 91 -3.08 4.58 -28.39
N TYR A 92 -4.23 5.20 -28.15
CA TYR A 92 -5.46 4.47 -27.99
C TYR A 92 -5.87 3.72 -29.24
N SER A 93 -6.62 2.66 -29.05
CA SER A 93 -7.14 1.89 -30.16
C SER A 93 -8.28 2.75 -30.71
N GLU A 94 -8.72 2.41 -31.91
CA GLU A 94 -9.82 3.09 -32.60
C GLU A 94 -11.07 3.14 -31.73
N LYS A 95 -11.49 1.98 -31.24
CA LYS A 95 -12.68 1.89 -30.42
C LYS A 95 -12.64 2.79 -29.18
N PHE A 96 -11.50 2.78 -28.50
CA PHE A 96 -11.33 3.56 -27.29
C PHE A 96 -11.46 5.05 -27.56
N ARG A 97 -10.66 5.55 -28.49
CA ARG A 97 -10.67 6.96 -28.83
C ARG A 97 -12.03 7.44 -29.32
N ASP A 98 -12.71 6.59 -30.09
CA ASP A 98 -14.02 6.93 -30.64
C ASP A 98 -15.06 7.11 -29.52
N VAL A 99 -15.16 6.14 -28.62
CA VAL A 99 -16.09 6.24 -27.51
C VAL A 99 -15.77 7.46 -26.63
N TYR A 100 -14.50 7.66 -26.33
CA TYR A 100 -14.14 8.77 -25.48
C TYR A 100 -14.29 10.14 -26.09
N ASP A 101 -14.16 10.24 -27.42
CA ASP A 101 -14.36 11.51 -28.11
C ASP A 101 -15.85 11.86 -27.99
N TYR A 102 -16.71 10.84 -28.05
CA TYR A 102 -18.14 11.08 -27.93
C TYR A 102 -18.52 11.36 -26.48
N PHE A 103 -17.84 10.70 -25.55
CA PHE A 103 -18.10 10.94 -24.14
C PHE A 103 -17.74 12.40 -23.82
N ARG A 104 -16.59 12.86 -24.32
CA ARG A 104 -16.17 14.23 -24.10
C ARG A 104 -17.23 15.20 -24.62
N ALA A 105 -17.85 14.84 -25.73
CA ALA A 105 -18.89 15.69 -26.30
C ALA A 105 -20.11 15.77 -25.39
N VAL A 106 -20.67 14.63 -25.00
CA VAL A 106 -21.85 14.65 -24.15
C VAL A 106 -21.56 15.29 -22.80
N LEU A 107 -20.37 15.05 -22.25
CA LEU A 107 -20.00 15.62 -20.95
C LEU A 107 -19.92 17.13 -21.05
N GLN A 108 -19.23 17.59 -22.10
CA GLN A 108 -19.05 19.01 -22.33
C GLN A 108 -20.36 19.75 -22.49
N ARG A 109 -21.34 19.16 -23.14
CA ARG A 109 -22.61 19.85 -23.28
C ARG A 109 -23.61 19.42 -22.22
N ASP A 110 -23.14 18.62 -21.27
CA ASP A 110 -23.98 18.12 -20.18
C ASP A 110 -25.30 17.58 -20.71
N GLU A 111 -25.21 16.72 -21.73
CA GLU A 111 -26.40 16.12 -22.31
C GLU A 111 -26.88 14.97 -21.45
N ARG A 112 -27.99 15.16 -20.75
CA ARG A 112 -28.49 14.10 -19.88
C ARG A 112 -29.56 13.32 -20.62
N SER A 113 -29.11 12.45 -21.51
CA SER A 113 -29.99 11.65 -22.35
C SER A 113 -29.80 10.17 -22.20
N GLU A 114 -30.76 9.43 -22.71
CA GLU A 114 -30.70 7.98 -22.67
C GLU A 114 -29.49 7.51 -23.50
N ARG A 115 -29.24 8.16 -24.63
CA ARG A 115 -28.11 7.75 -25.44
C ARG A 115 -26.79 8.01 -24.70
N ALA A 116 -26.74 9.11 -23.95
CA ALA A 116 -25.53 9.43 -23.20
C ALA A 116 -25.35 8.34 -22.12
N PHE A 117 -26.46 7.93 -21.52
CA PHE A 117 -26.42 6.89 -20.50
C PHE A 117 -25.80 5.62 -21.04
N LYS A 118 -26.30 5.15 -22.18
CA LYS A 118 -25.76 3.94 -22.78
C LYS A 118 -24.29 4.13 -23.17
N LEU A 119 -23.91 5.34 -23.59
CA LEU A 119 -22.53 5.59 -23.96
C LEU A 119 -21.56 5.37 -22.78
N THR A 120 -21.98 5.77 -21.58
CA THR A 120 -21.14 5.60 -20.39
C THR A 120 -20.86 4.13 -20.10
N ARG A 121 -21.80 3.24 -20.45
CA ARG A 121 -21.58 1.82 -20.22
C ARG A 121 -20.38 1.38 -21.07
N ASP A 122 -20.30 1.92 -22.29
CA ASP A 122 -19.18 1.57 -23.16
C ASP A 122 -17.88 2.19 -22.71
N ALA A 123 -17.96 3.44 -22.25
CA ALA A 123 -16.78 4.15 -21.77
C ALA A 123 -16.20 3.42 -20.55
N ILE A 124 -17.11 2.90 -19.72
CA ILE A 124 -16.71 2.16 -18.53
C ILE A 124 -16.11 0.84 -18.91
N GLU A 125 -16.68 0.15 -19.89
CA GLU A 125 -16.09 -1.12 -20.25
C GLU A 125 -14.69 -0.93 -20.84
N LEU A 126 -14.45 0.18 -21.53
CA LEU A 126 -13.14 0.45 -22.09
C LEU A 126 -12.13 0.79 -21.00
N ASN A 127 -12.58 1.46 -19.94
CA ASN A 127 -11.71 1.81 -18.81
C ASN A 127 -12.57 2.02 -17.56
N ALA A 128 -12.83 0.93 -16.84
CA ALA A 128 -13.66 0.99 -15.64
C ALA A 128 -13.08 1.86 -14.54
N ALA A 129 -11.82 2.28 -14.69
CA ALA A 129 -11.19 3.15 -13.69
C ALA A 129 -11.41 4.63 -13.97
N ASN A 130 -12.15 4.96 -15.02
CA ASN A 130 -12.39 6.36 -15.29
C ASN A 130 -13.46 6.91 -14.34
N TYR A 131 -13.02 7.48 -13.22
CA TYR A 131 -13.93 8.01 -12.24
C TYR A 131 -14.85 9.13 -12.75
N THR A 132 -14.38 9.90 -13.72
CA THR A 132 -15.17 10.98 -14.33
C THR A 132 -16.41 10.40 -15.01
N VAL A 133 -16.23 9.27 -15.72
CA VAL A 133 -17.35 8.61 -16.39
C VAL A 133 -18.36 8.11 -15.35
N TRP A 134 -17.86 7.48 -14.28
CA TRP A 134 -18.75 7.01 -13.22
C TRP A 134 -19.56 8.18 -12.60
N HIS A 135 -18.92 9.33 -12.42
CA HIS A 135 -19.63 10.46 -11.86
C HIS A 135 -20.76 10.87 -12.78
N PHE A 136 -20.46 11.03 -14.07
CA PHE A 136 -21.48 11.42 -15.04
C PHE A 136 -22.59 10.36 -15.10
N ARG A 137 -22.23 9.08 -14.96
CA ARG A 137 -23.25 8.06 -14.99
C ARG A 137 -24.20 8.19 -13.80
N ARG A 138 -23.67 8.56 -12.63
CA ARG A 138 -24.54 8.73 -11.48
C ARG A 138 -25.44 9.93 -11.68
N VAL A 139 -24.91 10.98 -12.31
CA VAL A 139 -25.73 12.16 -12.59
C VAL A 139 -26.92 11.71 -13.47
N LEU A 140 -26.62 10.93 -14.51
CA LEU A 140 -27.66 10.44 -15.42
C LEU A 140 -28.68 9.52 -14.73
N LEU A 141 -28.22 8.67 -13.83
CA LEU A 141 -29.12 7.75 -13.11
C LEU A 141 -30.19 8.56 -12.38
N ARG A 142 -29.80 9.68 -11.78
CA ARG A 142 -30.75 10.53 -11.06
C ARG A 142 -31.63 11.35 -12.02
N SER A 143 -31.01 12.11 -12.94
CA SER A 143 -31.78 12.93 -13.89
C SER A 143 -32.79 12.15 -14.71
N LEU A 144 -32.39 11.00 -15.20
CA LEU A 144 -33.26 10.17 -16.02
C LEU A 144 -34.15 9.23 -15.22
N GLN A 145 -34.05 9.29 -13.89
CA GLN A 145 -34.85 8.42 -13.03
C GLN A 145 -34.75 6.95 -13.47
N LYS A 146 -33.52 6.46 -13.61
CA LYS A 146 -33.30 5.09 -14.03
C LYS A 146 -33.59 4.14 -12.87
N ASP A 147 -34.15 2.98 -13.20
CA ASP A 147 -34.45 1.96 -12.21
C ASP A 147 -33.12 1.53 -11.55
N LEU A 148 -32.99 1.74 -10.25
CA LEU A 148 -31.76 1.40 -9.53
C LEU A 148 -31.50 -0.09 -9.32
N GLN A 149 -32.52 -0.93 -9.31
CA GLN A 149 -32.27 -2.38 -9.18
C GLN A 149 -31.69 -2.91 -10.48
N GLU A 150 -32.06 -2.28 -11.58
CA GLU A 150 -31.53 -2.68 -12.87
C GLU A 150 -30.04 -2.29 -12.82
N GLU A 151 -29.75 -1.11 -12.27
CA GLU A 151 -28.38 -0.63 -12.15
C GLU A 151 -27.59 -1.54 -11.19
N MET A 152 -28.25 -2.09 -10.17
CA MET A 152 -27.60 -3.02 -9.25
C MET A 152 -27.20 -4.26 -10.04
N ASN A 153 -28.07 -4.73 -10.93
CA ASN A 153 -27.74 -5.92 -11.75
C ASN A 153 -26.52 -5.62 -12.58
N TYR A 154 -26.45 -4.41 -13.08
CA TYR A 154 -25.32 -3.99 -13.89
C TYR A 154 -24.01 -3.93 -13.08
N ILE A 155 -24.03 -3.28 -11.93
CA ILE A 155 -22.81 -3.19 -11.14
C ILE A 155 -22.34 -4.56 -10.65
N ILE A 156 -23.26 -5.48 -10.36
CA ILE A 156 -22.80 -6.78 -9.90
C ILE A 156 -22.03 -7.52 -11.01
N ALA A 157 -22.44 -7.31 -12.26
CA ALA A 157 -21.77 -7.94 -13.39
C ALA A 157 -20.40 -7.30 -13.60
N ILE A 158 -20.33 -5.97 -13.52
CA ILE A 158 -19.07 -5.27 -13.70
C ILE A 158 -18.05 -5.64 -12.61
N ILE A 159 -18.50 -5.70 -11.36
CA ILE A 159 -17.61 -6.06 -10.27
C ILE A 159 -17.12 -7.50 -10.46
N GLU A 160 -17.99 -8.41 -10.90
CA GLU A 160 -17.57 -9.78 -11.13
C GLU A 160 -16.40 -9.77 -12.12
N GLU A 161 -16.48 -8.92 -13.14
CA GLU A 161 -15.44 -8.78 -14.16
C GLU A 161 -14.15 -8.12 -13.66
N GLN A 162 -14.28 -6.98 -12.97
CA GLN A 162 -13.13 -6.22 -12.46
C GLN A 162 -13.29 -5.93 -10.98
N PRO A 163 -13.11 -6.96 -10.15
CA PRO A 163 -13.24 -6.89 -8.70
C PRO A 163 -12.20 -6.10 -7.91
N LYS A 164 -11.07 -5.75 -8.49
CA LYS A 164 -10.04 -4.98 -7.78
C LYS A 164 -9.99 -3.58 -8.35
N ASN A 165 -11.13 -2.91 -8.39
CA ASN A 165 -11.26 -1.58 -8.93
C ASN A 165 -12.01 -0.74 -7.90
N TYR A 166 -11.51 0.45 -7.63
CA TYR A 166 -12.11 1.34 -6.63
C TYR A 166 -13.48 1.91 -7.01
N GLN A 167 -13.63 2.30 -8.28
CA GLN A 167 -14.88 2.91 -8.71
C GLN A 167 -16.07 2.02 -8.65
N VAL A 168 -15.93 0.76 -9.06
CA VAL A 168 -17.06 -0.16 -9.07
C VAL A 168 -17.63 -0.43 -7.68
N TRP A 169 -16.77 -0.56 -6.69
CA TRP A 169 -17.25 -0.80 -5.34
C TRP A 169 -17.89 0.45 -4.77
N HIS A 170 -17.31 1.62 -5.06
CA HIS A 170 -17.92 2.84 -4.55
C HIS A 170 -19.28 3.04 -5.17
N HIS A 171 -19.40 2.73 -6.46
CA HIS A 171 -20.67 2.87 -7.16
C HIS A 171 -21.74 1.99 -6.52
N ARG A 172 -21.38 0.73 -6.23
CA ARG A 172 -22.31 -0.19 -5.62
C ARG A 172 -22.78 0.32 -4.26
N ARG A 173 -21.87 0.92 -3.50
CA ARG A 173 -22.15 1.47 -2.18
C ARG A 173 -23.19 2.58 -2.32
N VAL A 174 -22.95 3.48 -3.26
CA VAL A 174 -23.89 4.58 -3.52
C VAL A 174 -25.28 4.01 -3.84
N LEU A 175 -25.33 2.96 -4.67
CA LEU A 175 -26.61 2.35 -5.03
C LEU A 175 -27.32 1.82 -3.78
N VAL A 176 -26.60 1.08 -2.94
CA VAL A 176 -27.15 0.53 -1.71
C VAL A 176 -27.68 1.66 -0.81
N GLU A 177 -26.91 2.74 -0.71
CA GLU A 177 -27.32 3.88 0.08
C GLU A 177 -28.60 4.50 -0.48
N TRP A 178 -28.63 4.72 -1.79
CA TRP A 178 -29.81 5.31 -2.44
C TRP A 178 -31.06 4.47 -2.21
N LEU A 179 -30.92 3.16 -2.39
CA LEU A 179 -32.01 2.20 -2.22
C LEU A 179 -32.30 1.82 -0.76
N LYS A 180 -31.36 2.14 0.14
CA LYS A 180 -31.48 1.77 1.55
C LYS A 180 -31.82 0.29 1.62
N ASP A 181 -31.16 -0.50 0.78
CA ASP A 181 -31.42 -1.93 0.73
C ASP A 181 -30.13 -2.76 0.67
N PRO A 182 -29.80 -3.46 1.77
CA PRO A 182 -28.59 -4.29 1.80
C PRO A 182 -28.85 -5.76 1.61
N SER A 183 -30.07 -6.10 1.21
CA SER A 183 -30.46 -7.50 1.09
C SER A 183 -29.67 -8.40 0.16
N GLN A 184 -29.03 -7.84 -0.86
CA GLN A 184 -28.25 -8.66 -1.78
C GLN A 184 -26.75 -8.64 -1.48
N GLU A 185 -26.34 -7.80 -0.54
CA GLU A 185 -24.93 -7.60 -0.24
C GLU A 185 -24.09 -8.75 0.23
N LEU A 186 -24.45 -9.31 1.38
CA LEU A 186 -23.67 -10.40 1.93
C LEU A 186 -23.48 -11.58 0.99
N GLU A 187 -24.52 -11.90 0.23
CA GLU A 187 -24.44 -12.99 -0.72
C GLU A 187 -23.61 -12.59 -1.93
N PHE A 188 -23.79 -11.36 -2.40
CA PHE A 188 -23.00 -10.93 -3.53
C PHE A 188 -21.52 -10.98 -3.17
N ILE A 189 -21.17 -10.33 -2.06
CA ILE A 189 -19.80 -10.31 -1.56
C ILE A 189 -19.23 -11.71 -1.34
N ALA A 190 -20.04 -12.60 -0.77
CA ALA A 190 -19.62 -13.97 -0.55
C ALA A 190 -19.24 -14.61 -1.89
N ASP A 191 -19.94 -14.25 -2.96
CA ASP A 191 -19.60 -14.82 -4.26
C ASP A 191 -18.25 -14.31 -4.75
N ILE A 192 -17.97 -13.02 -4.54
CA ILE A 192 -16.68 -12.46 -4.95
C ILE A 192 -15.58 -13.08 -4.11
N LEU A 193 -15.83 -13.22 -2.80
CA LEU A 193 -14.85 -13.78 -1.86
C LEU A 193 -14.60 -15.24 -2.14
N ASN A 194 -15.54 -15.85 -2.86
CA ASN A 194 -15.41 -17.25 -3.22
C ASN A 194 -14.40 -17.41 -4.36
N GLN A 195 -14.17 -16.33 -5.12
CA GLN A 195 -13.20 -16.35 -6.21
C GLN A 195 -11.83 -15.83 -5.74
N ASP A 196 -11.86 -14.86 -4.81
CA ASP A 196 -10.65 -14.29 -4.21
C ASP A 196 -11.03 -14.01 -2.75
N ALA A 197 -10.66 -14.94 -1.87
CA ALA A 197 -10.97 -14.83 -0.46
C ALA A 197 -10.25 -13.71 0.27
N LYS A 198 -9.38 -12.99 -0.43
CA LYS A 198 -8.64 -11.91 0.21
C LYS A 198 -8.87 -10.55 -0.47
N ASN A 199 -9.90 -10.46 -1.32
CA ASN A 199 -10.17 -9.20 -2.01
C ASN A 199 -10.45 -8.09 -1.00
N TYR A 200 -9.50 -7.16 -0.89
CA TYR A 200 -9.58 -6.03 0.02
C TYR A 200 -10.84 -5.18 -0.12
N HIS A 201 -11.23 -4.85 -1.34
CA HIS A 201 -12.42 -4.02 -1.56
C HIS A 201 -13.67 -4.76 -1.11
N ALA A 202 -13.70 -6.06 -1.35
CA ALA A 202 -14.82 -6.90 -0.97
C ALA A 202 -14.98 -6.93 0.54
N TRP A 203 -13.89 -7.17 1.26
CA TRP A 203 -13.95 -7.19 2.74
C TRP A 203 -14.35 -5.83 3.31
N GLN A 204 -13.84 -4.76 2.70
CA GLN A 204 -14.13 -3.39 3.12
C GLN A 204 -15.60 -3.02 2.95
N HIS A 205 -16.16 -3.42 1.80
CA HIS A 205 -17.55 -3.15 1.51
C HIS A 205 -18.41 -3.97 2.48
N ARG A 206 -17.99 -5.19 2.76
CA ARG A 206 -18.69 -6.10 3.67
C ARG A 206 -18.74 -5.52 5.08
N GLN A 207 -17.64 -4.95 5.55
CA GLN A 207 -17.64 -4.36 6.88
C GLN A 207 -18.60 -3.18 6.91
N TRP A 208 -18.61 -2.39 5.84
CA TRP A 208 -19.49 -1.23 5.79
C TRP A 208 -20.95 -1.65 5.84
N VAL A 209 -21.33 -2.60 4.99
CA VAL A 209 -22.71 -3.09 4.97
C VAL A 209 -23.14 -3.59 6.34
N ILE A 210 -22.36 -4.50 6.90
CA ILE A 210 -22.64 -5.09 8.21
C ILE A 210 -22.79 -4.04 9.30
N GLN A 211 -21.87 -3.10 9.35
CA GLN A 211 -21.91 -2.07 10.35
C GLN A 211 -23.07 -1.10 10.20
N GLU A 212 -23.21 -0.53 9.00
CA GLU A 212 -24.29 0.42 8.73
C GLU A 212 -25.71 -0.12 8.87
N PHE A 213 -25.91 -1.36 8.45
CA PHE A 213 -27.23 -1.99 8.52
C PHE A 213 -27.35 -2.95 9.68
N ARG A 214 -26.33 -3.02 10.53
CA ARG A 214 -26.34 -3.92 11.68
C ARG A 214 -26.65 -5.35 11.29
N LEU A 215 -25.87 -5.93 10.38
CA LEU A 215 -26.09 -7.31 9.94
C LEU A 215 -25.06 -8.26 10.57
N TRP A 216 -24.91 -8.16 11.88
CA TRP A 216 -23.94 -8.94 12.63
C TRP A 216 -24.26 -10.42 12.89
N ASP A 217 -25.55 -10.73 12.98
CA ASP A 217 -26.01 -12.06 13.31
C ASP A 217 -25.33 -13.31 12.79
N ASN A 218 -25.00 -13.35 11.51
CA ASN A 218 -24.37 -14.55 10.96
C ASN A 218 -22.92 -14.45 10.53
N GLU A 219 -22.29 -13.32 10.78
CA GLU A 219 -20.92 -13.13 10.33
C GLU A 219 -19.87 -14.04 10.97
N LEU A 220 -20.01 -14.35 12.25
CA LEU A 220 -19.04 -15.21 12.90
C LEU A 220 -19.12 -16.60 12.29
N GLN A 221 -20.33 -17.02 11.95
CA GLN A 221 -20.52 -18.31 11.33
C GLN A 221 -19.81 -18.28 9.97
N TYR A 222 -19.93 -17.17 9.26
CA TYR A 222 -19.27 -16.99 7.96
C TYR A 222 -17.74 -17.07 8.14
N VAL A 223 -17.23 -16.35 9.13
CA VAL A 223 -15.81 -16.34 9.44
C VAL A 223 -15.31 -17.77 9.71
N ASP A 224 -16.05 -18.52 10.52
CA ASP A 224 -15.66 -19.89 10.85
C ASP A 224 -15.60 -20.75 9.61
N GLN A 225 -16.54 -20.54 8.70
CA GLN A 225 -16.57 -21.29 7.45
C GLN A 225 -15.30 -21.01 6.64
N LEU A 226 -14.97 -19.73 6.46
CA LEU A 226 -13.79 -19.38 5.69
C LEU A 226 -12.50 -19.82 6.36
N LEU A 227 -12.46 -19.80 7.69
CA LEU A 227 -11.26 -20.24 8.41
C LEU A 227 -11.06 -21.76 8.21
N LYS A 228 -12.16 -22.48 8.00
CA LYS A 228 -12.13 -23.92 7.75
C LYS A 228 -11.48 -24.10 6.38
N GLU A 229 -11.96 -23.34 5.41
CA GLU A 229 -11.44 -23.41 4.05
C GLU A 229 -9.96 -23.07 4.00
N ASP A 230 -9.55 -22.01 4.69
CA ASP A 230 -8.14 -21.59 4.71
C ASP A 230 -7.83 -20.83 6.02
N VAL A 231 -7.34 -21.58 7.00
CA VAL A 231 -6.98 -21.03 8.30
C VAL A 231 -5.86 -19.99 8.21
N ARG A 232 -5.23 -19.90 7.05
CA ARG A 232 -4.14 -18.95 6.84
C ARG A 232 -4.63 -17.63 6.24
N ASN A 233 -5.94 -17.51 6.01
CA ASN A 233 -6.51 -16.30 5.41
C ASN A 233 -6.58 -15.17 6.44
N ASN A 234 -5.59 -14.27 6.39
CA ASN A 234 -5.49 -13.14 7.32
C ASN A 234 -6.67 -12.18 7.25
N SER A 235 -7.35 -12.13 6.11
CA SER A 235 -8.50 -11.25 5.94
C SER A 235 -9.64 -11.76 6.84
N VAL A 236 -9.75 -13.08 6.98
CA VAL A 236 -10.79 -13.71 7.79
C VAL A 236 -10.50 -13.50 9.27
N TRP A 237 -9.22 -13.56 9.65
CA TRP A 237 -8.83 -13.32 11.03
C TRP A 237 -9.15 -11.87 11.36
N ASN A 238 -8.93 -10.97 10.42
CA ASN A 238 -9.25 -9.58 10.65
C ASN A 238 -10.77 -9.44 10.82
N GLN A 239 -11.55 -10.13 9.99
CA GLN A 239 -13.01 -10.07 10.07
C GLN A 239 -13.51 -10.63 11.40
N ARG A 240 -12.85 -11.70 11.87
CA ARG A 240 -13.22 -12.32 13.13
C ARG A 240 -13.08 -11.26 14.24
N HIS A 241 -11.97 -10.54 14.20
CA HIS A 241 -11.75 -9.51 15.19
C HIS A 241 -12.77 -8.40 15.05
N PHE A 242 -13.15 -8.12 13.80
CA PHE A 242 -14.13 -7.07 13.51
C PHE A 242 -15.48 -7.42 14.13
N VAL A 243 -15.96 -8.64 13.88
CA VAL A 243 -17.24 -9.08 14.43
C VAL A 243 -17.26 -9.04 15.96
N ILE A 244 -16.31 -9.71 16.58
CA ILE A 244 -16.25 -9.78 18.03
C ILE A 244 -16.14 -8.42 18.70
N SER A 245 -15.28 -7.54 18.19
CA SER A 245 -15.14 -6.21 18.78
C SER A 245 -16.44 -5.42 18.80
N ASN A 246 -17.22 -5.53 17.73
CA ASN A 246 -18.45 -4.75 17.64
C ASN A 246 -19.69 -5.41 18.16
N THR A 247 -19.54 -6.64 18.67
CA THR A 247 -20.67 -7.35 19.23
C THR A 247 -20.44 -7.51 20.74
N THR A 248 -19.86 -8.63 21.16
CA THR A 248 -19.61 -8.90 22.57
C THR A 248 -18.43 -8.12 23.13
N GLY A 249 -17.44 -7.87 22.29
CA GLY A 249 -16.27 -7.17 22.77
C GLY A 249 -15.37 -8.29 23.30
N TYR A 250 -14.13 -7.95 23.65
CA TYR A 250 -13.17 -8.92 24.18
C TYR A 250 -12.98 -8.87 25.70
N SER A 251 -13.73 -7.98 26.37
CA SER A 251 -13.63 -7.83 27.82
C SER A 251 -14.34 -8.96 28.54
N ASP A 252 -15.44 -9.42 27.94
CA ASP A 252 -16.19 -10.53 28.48
C ASP A 252 -15.20 -11.69 28.59
N ARG A 253 -14.87 -12.07 29.81
CA ARG A 253 -13.93 -13.14 30.07
C ARG A 253 -14.27 -14.46 29.42
N ALA A 254 -15.55 -14.80 29.37
CA ALA A 254 -15.95 -16.05 28.73
C ALA A 254 -15.59 -16.01 27.23
N VAL A 255 -15.76 -14.84 26.60
CA VAL A 255 -15.47 -14.67 25.18
C VAL A 255 -13.96 -14.72 24.93
N LEU A 256 -13.21 -13.88 25.63
CA LEU A 256 -11.75 -13.85 25.48
C LEU A 256 -11.14 -15.26 25.61
N GLU A 257 -11.59 -16.01 26.62
CA GLU A 257 -11.07 -17.35 26.84
C GLU A 257 -11.38 -18.26 25.64
N ARG A 258 -12.61 -18.20 25.16
CA ARG A 258 -13.04 -19.00 24.01
C ARG A 258 -12.12 -18.70 22.84
N GLU A 259 -11.80 -17.43 22.68
CA GLU A 259 -10.94 -16.98 21.59
C GLU A 259 -9.53 -17.49 21.69
N VAL A 260 -8.94 -17.36 22.87
CA VAL A 260 -7.59 -17.81 23.08
C VAL A 260 -7.50 -19.33 22.94
N GLN A 261 -8.53 -20.02 23.40
CA GLN A 261 -8.57 -21.49 23.32
C GLN A 261 -8.57 -21.89 21.86
N TYR A 262 -9.45 -21.24 21.10
CA TYR A 262 -9.59 -21.49 19.67
C TYR A 262 -8.27 -21.25 18.93
N THR A 263 -7.64 -20.11 19.22
CA THR A 263 -6.40 -19.73 18.57
C THR A 263 -5.23 -20.68 18.90
N LEU A 264 -5.12 -21.09 20.15
CA LEU A 264 -4.06 -22.01 20.55
C LEU A 264 -4.31 -23.35 19.86
N GLU A 265 -5.57 -23.69 19.70
CA GLU A 265 -5.93 -24.92 19.01
C GLU A 265 -5.50 -24.85 17.53
N MET A 266 -5.72 -23.70 16.88
CA MET A 266 -5.34 -23.52 15.49
C MET A 266 -3.80 -23.52 15.37
N ILE A 267 -3.14 -22.90 16.33
CA ILE A 267 -1.68 -22.88 16.36
C ILE A 267 -1.13 -24.31 16.44
N LYS A 268 -1.71 -25.14 17.31
CA LYS A 268 -1.27 -26.52 17.45
C LYS A 268 -1.43 -27.27 16.12
N LEU A 269 -2.52 -27.04 15.41
CA LEU A 269 -2.74 -27.70 14.13
C LEU A 269 -1.80 -27.21 13.02
N VAL A 270 -1.50 -25.92 13.00
CA VAL A 270 -0.62 -25.33 11.99
C VAL A 270 0.33 -24.35 12.69
N PRO A 271 1.34 -24.90 13.40
CA PRO A 271 2.35 -24.14 14.15
C PRO A 271 2.99 -22.96 13.42
N HIS A 272 3.10 -23.06 12.10
CA HIS A 272 3.75 -22.01 11.32
C HIS A 272 2.83 -20.98 10.66
N ASN A 273 1.54 -21.04 10.97
CA ASN A 273 0.61 -20.08 10.42
C ASN A 273 0.73 -18.77 11.23
N GLU A 274 1.37 -17.77 10.63
CA GLU A 274 1.57 -16.49 11.29
C GLU A 274 0.31 -15.73 11.70
N SER A 275 -0.80 -15.94 11.01
CA SER A 275 -2.03 -15.23 11.34
C SER A 275 -2.60 -15.56 12.73
N ALA A 276 -2.61 -16.83 13.09
CA ALA A 276 -3.12 -17.25 14.40
C ALA A 276 -2.29 -16.60 15.48
N TRP A 277 -0.98 -16.59 15.28
CA TRP A 277 -0.06 -15.99 16.23
C TRP A 277 -0.32 -14.50 16.41
N ASN A 278 -0.56 -13.81 15.30
CA ASN A 278 -0.81 -12.38 15.33
C ASN A 278 -2.14 -12.08 16.03
N TYR A 279 -3.13 -12.93 15.81
CA TYR A 279 -4.43 -12.75 16.42
C TYR A 279 -4.34 -12.92 17.93
N LEU A 280 -3.71 -14.01 18.35
CA LEU A 280 -3.51 -14.32 19.77
C LEU A 280 -2.85 -13.14 20.48
N LYS A 281 -1.82 -12.60 19.86
CA LYS A 281 -1.12 -11.46 20.42
C LYS A 281 -2.01 -10.22 20.37
N GLY A 282 -2.72 -10.06 19.25
CA GLY A 282 -3.58 -8.90 19.08
C GLY A 282 -4.69 -8.77 20.10
N ILE A 283 -5.29 -9.89 20.49
CA ILE A 283 -6.38 -9.86 21.47
C ILE A 283 -5.93 -9.79 22.93
N LEU A 284 -4.66 -10.06 23.21
CA LEU A 284 -4.14 -10.02 24.59
C LEU A 284 -3.21 -8.86 24.88
N GLN A 285 -2.52 -8.37 23.86
CA GLN A 285 -1.56 -7.28 24.03
C GLN A 285 -2.09 -6.01 24.66
N ASP A 286 -3.36 -5.69 24.42
CA ASP A 286 -3.90 -4.46 24.98
C ASP A 286 -4.03 -4.45 26.50
N ARG A 287 -4.52 -5.56 27.07
CA ARG A 287 -4.63 -5.66 28.52
C ARG A 287 -3.25 -5.89 29.15
N GLY A 288 -2.32 -6.41 28.35
CA GLY A 288 -0.97 -6.66 28.80
C GLY A 288 -0.72 -8.16 28.80
N LEU A 289 0.37 -8.61 28.17
CA LEU A 289 0.68 -10.03 28.13
C LEU A 289 0.97 -10.63 29.52
N SER A 290 1.62 -9.86 30.39
CA SER A 290 1.94 -10.32 31.72
C SER A 290 0.68 -10.53 32.60
N ARG A 291 -0.43 -9.93 32.21
CA ARG A 291 -1.67 -10.07 32.96
C ARG A 291 -2.16 -11.53 32.91
N TYR A 292 -1.57 -12.34 32.03
CA TYR A 292 -1.97 -13.74 31.89
C TYR A 292 -0.81 -14.69 32.17
N PRO A 293 -0.54 -14.97 33.47
CA PRO A 293 0.55 -15.84 33.93
C PRO A 293 0.63 -17.24 33.32
N ASN A 294 -0.51 -17.86 33.01
CA ASN A 294 -0.53 -19.21 32.43
C ASN A 294 -0.13 -19.28 30.97
N LEU A 295 -0.22 -18.15 30.28
CA LEU A 295 0.10 -18.09 28.87
C LEU A 295 1.55 -18.56 28.61
N LEU A 296 2.48 -17.95 29.33
CA LEU A 296 3.90 -18.27 29.23
C LEU A 296 4.14 -19.76 29.39
N ASN A 297 3.73 -20.32 30.52
CA ASN A 297 3.92 -21.73 30.79
C ASN A 297 3.43 -22.55 29.61
N GLN A 298 2.21 -22.26 29.17
CA GLN A 298 1.60 -22.98 28.05
C GLN A 298 2.37 -22.88 26.73
N LEU A 299 2.94 -21.72 26.45
CA LEU A 299 3.70 -21.55 25.22
C LEU A 299 4.97 -22.39 25.28
N LEU A 300 5.62 -22.38 26.44
CA LEU A 300 6.84 -23.16 26.65
C LEU A 300 6.53 -24.64 26.42
N ASP A 301 5.30 -25.05 26.68
CA ASP A 301 4.89 -26.44 26.50
C ASP A 301 4.76 -26.86 25.04
N LEU A 302 4.78 -25.87 24.14
CA LEU A 302 4.72 -26.18 22.72
C LEU A 302 6.12 -26.15 22.13
N GLN A 303 7.07 -25.54 22.84
CA GLN A 303 8.48 -25.43 22.43
C GLN A 303 9.04 -26.67 21.74
N PRO A 304 8.86 -27.87 22.32
CA PRO A 304 9.41 -29.04 21.65
C PRO A 304 8.71 -29.40 20.33
N SER A 305 7.55 -30.04 20.44
CA SER A 305 6.77 -30.49 19.28
C SER A 305 6.02 -29.46 18.42
N HIS A 306 6.17 -28.16 18.69
CA HIS A 306 5.46 -27.13 17.94
C HIS A 306 6.22 -25.79 17.87
N SER A 307 7.55 -25.82 17.86
CA SER A 307 8.30 -24.56 17.81
C SER A 307 8.22 -23.83 16.46
N SER A 308 8.61 -22.56 16.46
CA SER A 308 8.62 -21.72 15.26
C SER A 308 9.22 -20.39 15.70
N PRO A 309 9.69 -19.56 14.75
CA PRO A 309 10.25 -18.28 15.20
C PRO A 309 9.13 -17.41 15.79
N TYR A 310 7.88 -17.77 15.48
CA TYR A 310 6.71 -17.06 15.96
C TYR A 310 6.55 -17.32 17.46
N LEU A 311 6.67 -18.59 17.86
CA LEU A 311 6.57 -18.96 19.28
C LEU A 311 7.67 -18.25 20.06
N ILE A 312 8.90 -18.28 19.54
CA ILE A 312 10.06 -17.64 20.19
C ILE A 312 9.84 -16.14 20.32
N ALA A 313 9.35 -15.52 19.25
CA ALA A 313 9.11 -14.07 19.25
C ALA A 313 8.07 -13.68 20.28
N PHE A 314 7.06 -14.54 20.45
CA PHE A 314 5.98 -14.29 21.40
C PHE A 314 6.54 -14.32 22.84
N LEU A 315 7.38 -15.31 23.12
CA LEU A 315 8.02 -15.44 24.44
C LEU A 315 8.71 -14.12 24.76
N VAL A 316 9.42 -13.57 23.79
CA VAL A 316 10.10 -12.30 24.02
C VAL A 316 9.07 -11.22 24.32
N ASP A 317 7.91 -11.28 23.67
CA ASP A 317 6.87 -10.29 23.91
C ASP A 317 6.35 -10.36 25.34
N ILE A 318 6.20 -11.58 25.84
CA ILE A 318 5.74 -11.81 27.21
C ILE A 318 6.80 -11.33 28.22
N TYR A 319 8.06 -11.72 28.00
CA TYR A 319 9.14 -11.30 28.90
C TYR A 319 9.23 -9.79 28.95
N GLU A 320 9.15 -9.17 27.78
CA GLU A 320 9.22 -7.72 27.62
C GLU A 320 8.15 -7.01 28.47
N ASP A 321 6.93 -7.52 28.46
CA ASP A 321 5.84 -6.92 29.23
C ASP A 321 6.01 -7.20 30.72
N MET A 322 6.49 -8.41 31.06
CA MET A 322 6.74 -8.77 32.44
C MET A 322 7.72 -7.77 33.02
N LEU A 323 8.80 -7.53 32.29
CA LEU A 323 9.84 -6.59 32.70
C LEU A 323 9.30 -5.17 32.81
N GLU A 324 8.28 -4.85 32.01
CA GLU A 324 7.65 -3.54 31.98
C GLU A 324 6.75 -3.36 33.22
N ASN A 325 6.27 -4.48 33.76
CA ASN A 325 5.41 -4.45 34.94
C ASN A 325 6.08 -5.09 36.16
N GLN A 326 7.34 -4.69 36.41
CA GLN A 326 8.14 -5.17 37.54
C GLN A 326 7.85 -6.57 38.04
N CYS A 327 8.15 -7.58 37.22
CA CYS A 327 7.92 -8.95 37.61
C CYS A 327 9.01 -9.39 38.58
N ASP A 328 8.83 -10.58 39.16
CA ASP A 328 9.82 -11.12 40.09
C ASP A 328 11.01 -11.58 39.25
N ASN A 329 12.20 -11.66 39.84
CA ASN A 329 13.39 -12.11 39.11
C ASN A 329 13.69 -11.27 37.88
N LYS A 330 13.58 -9.95 38.01
CA LYS A 330 13.86 -9.02 36.91
C LYS A 330 14.97 -9.52 35.99
N GLU A 331 16.08 -9.90 36.60
CA GLU A 331 17.25 -10.36 35.85
C GLU A 331 17.13 -11.71 35.15
N ASP A 332 16.61 -12.70 35.85
CA ASP A 332 16.46 -14.02 35.26
C ASP A 332 15.64 -13.94 33.96
N ILE A 333 14.60 -13.10 33.96
CA ILE A 333 13.71 -12.90 32.82
C ILE A 333 14.42 -12.16 31.70
N LEU A 334 15.09 -11.07 32.03
CA LEU A 334 15.82 -10.30 31.05
C LEU A 334 16.81 -11.16 30.24
N ASN A 335 17.55 -12.04 30.93
CA ASN A 335 18.53 -12.90 30.29
C ASN A 335 17.85 -13.90 29.37
N LYS A 336 16.73 -14.45 29.82
CA LYS A 336 15.99 -15.40 29.01
C LYS A 336 15.61 -14.69 27.69
N ALA A 337 15.22 -13.41 27.81
CA ALA A 337 14.81 -12.58 26.68
C ALA A 337 15.95 -12.27 25.71
N LEU A 338 17.07 -11.76 26.22
CA LEU A 338 18.22 -11.44 25.38
C LEU A 338 18.74 -12.70 24.67
N GLU A 339 18.59 -13.85 25.34
CA GLU A 339 19.03 -15.12 24.79
C GLU A 339 18.16 -15.47 23.58
N LEU A 340 16.86 -15.27 23.70
CA LEU A 340 15.91 -15.53 22.61
C LEU A 340 16.12 -14.55 21.48
N CYS A 341 16.34 -13.27 21.80
CA CYS A 341 16.59 -12.26 20.78
C CYS A 341 17.80 -12.62 19.94
N GLU A 342 18.83 -13.14 20.60
CA GLU A 342 20.06 -13.52 19.92
C GLU A 342 19.79 -14.73 19.02
N ILE A 343 19.12 -15.74 19.56
CA ILE A 343 18.80 -16.92 18.78
C ILE A 343 18.03 -16.51 17.52
N LEU A 344 17.13 -15.54 17.66
CA LEU A 344 16.33 -15.06 16.54
C LEU A 344 17.19 -14.33 15.50
N ALA A 345 17.94 -13.30 15.94
CA ALA A 345 18.79 -12.49 15.08
C ALA A 345 19.91 -13.25 14.36
N LYS A 346 20.43 -14.28 15.02
CA LYS A 346 21.52 -15.06 14.46
C LYS A 346 21.15 -16.42 13.90
N GLU A 347 20.05 -16.99 14.32
CA GLU A 347 19.73 -18.32 13.83
C GLU A 347 18.31 -18.56 13.31
N LYS A 348 17.32 -18.41 14.18
CA LYS A 348 15.92 -18.66 13.83
C LYS A 348 15.10 -17.61 13.08
N ASP A 349 15.58 -16.38 12.99
CA ASP A 349 14.83 -15.33 12.28
C ASP A 349 15.76 -14.19 11.83
N THR A 350 16.79 -14.54 11.07
CA THR A 350 17.79 -13.58 10.61
C THR A 350 17.33 -12.46 9.69
N ILE A 351 16.22 -12.67 8.98
CA ILE A 351 15.70 -11.64 8.07
C ILE A 351 15.39 -10.40 8.92
N ARG A 352 15.03 -10.62 10.17
CA ARG A 352 14.70 -9.56 11.12
C ARG A 352 15.82 -9.27 12.14
N LYS A 353 17.05 -9.66 11.83
CA LYS A 353 18.20 -9.44 12.70
C LYS A 353 18.32 -8.02 13.23
N GLU A 354 18.04 -7.04 12.39
CA GLU A 354 18.12 -5.64 12.83
C GLU A 354 17.06 -5.32 13.86
N TYR A 355 15.87 -5.89 13.70
CA TYR A 355 14.80 -5.64 14.63
C TYR A 355 15.12 -6.33 15.95
N TRP A 356 15.51 -7.60 15.89
CA TRP A 356 15.84 -8.35 17.08
C TRP A 356 17.02 -7.79 17.85
N ARG A 357 18.05 -7.32 17.15
CA ARG A 357 19.19 -6.70 17.82
C ARG A 357 18.72 -5.43 18.55
N TYR A 358 17.77 -4.72 17.94
CA TYR A 358 17.20 -3.50 18.52
C TYR A 358 16.39 -3.81 19.78
N ILE A 359 15.58 -4.89 19.73
CA ILE A 359 14.78 -5.29 20.89
C ILE A 359 15.75 -5.65 22.03
N GLY A 360 16.71 -6.51 21.73
CA GLY A 360 17.70 -6.91 22.72
C GLY A 360 18.39 -5.70 23.34
N ARG A 361 18.68 -4.71 22.51
CA ARG A 361 19.34 -3.49 22.93
C ARG A 361 18.43 -2.62 23.80
N SER A 362 17.12 -2.64 23.53
CA SER A 362 16.14 -1.86 24.29
C SER A 362 15.90 -2.48 25.66
N LEU A 363 15.73 -3.80 25.68
CA LEU A 363 15.50 -4.53 26.92
C LEU A 363 16.71 -4.32 27.82
N GLN A 364 17.89 -4.36 27.22
CA GLN A 364 19.14 -4.15 27.96
C GLN A 364 19.13 -2.73 28.52
N SER A 365 18.89 -1.77 27.64
CA SER A 365 18.88 -0.36 27.98
C SER A 365 18.04 0.05 29.16
N LYS A 366 16.97 -0.69 29.44
CA LYS A 366 16.12 -0.31 30.57
C LYS A 366 15.76 -1.36 31.61
N HIS A 367 16.22 -2.59 31.44
CA HIS A 367 15.88 -3.63 32.41
C HIS A 367 17.05 -4.36 33.07
N SER A 368 18.29 -4.01 32.70
CA SER A 368 19.46 -4.65 33.31
C SER A 368 19.58 -4.12 34.74
N ARG A 369 20.19 -4.89 35.64
CA ARG A 369 20.32 -4.46 37.04
C ARG A 369 21.00 -3.10 37.17
N GLU A 370 21.80 -2.74 36.17
CA GLU A 370 22.53 -1.47 36.14
C GLU A 370 21.67 -0.30 35.65
N SER A 371 20.59 -0.60 34.94
CA SER A 371 19.69 0.40 34.39
C SER A 371 19.21 1.53 35.31
N ASP A 372 18.85 1.22 36.55
CA ASP A 372 18.39 2.27 37.46
C ASP A 372 19.52 2.77 38.38
N ILE A 373 20.71 2.18 38.24
CA ILE A 373 21.87 2.53 39.05
C ILE A 373 22.62 3.77 38.54
N PRO A 374 22.79 4.79 39.41
CA PRO A 374 23.49 6.03 39.01
C PRO A 374 24.94 5.79 38.59
N ALA A 375 25.41 6.60 37.65
CA ALA A 375 26.77 6.52 37.10
C ALA A 375 27.90 6.34 38.12
N SER A 376 27.84 7.09 39.21
CA SER A 376 28.84 7.09 40.29
C SER A 376 29.05 5.76 41.06
N VAL A 377 27.99 4.94 41.14
CA VAL A 377 28.05 3.67 41.85
C VAL A 377 29.07 2.69 41.25
N PRO B 17 36.22 -16.25 3.98
CA PRO B 17 36.83 -17.49 3.45
C PRO B 17 36.47 -17.66 1.97
N VAL B 18 37.00 -18.71 1.35
CA VAL B 18 36.77 -19.02 -0.07
C VAL B 18 35.43 -19.71 -0.33
N TRP B 19 34.99 -20.55 0.62
CA TRP B 19 33.72 -21.25 0.52
C TRP B 19 32.54 -20.32 0.89
N SER B 20 32.86 -19.14 1.43
CA SER B 20 31.87 -18.15 1.86
C SER B 20 31.13 -17.45 0.72
N GLU B 21 29.80 -17.53 0.77
CA GLU B 21 28.90 -16.93 -0.21
C GLU B 21 28.51 -15.53 0.28
N PRO B 22 28.90 -14.45 -0.43
CA PRO B 22 28.55 -13.10 0.01
C PRO B 22 27.09 -12.72 -0.23
N LEU B 23 26.39 -13.46 -1.09
CA LEU B 23 24.98 -13.20 -1.35
C LEU B 23 24.10 -14.03 -0.40
N TYR B 24 23.43 -13.31 0.49
CA TYR B 24 22.55 -13.89 1.51
C TYR B 24 21.54 -14.92 1.01
N SER B 25 20.95 -14.68 -0.17
CA SER B 25 19.96 -15.59 -0.73
C SER B 25 20.54 -16.88 -1.29
N LEU B 26 21.85 -16.88 -1.53
CA LEU B 26 22.51 -18.06 -2.10
C LEU B 26 23.23 -18.92 -1.05
N ARG B 27 23.34 -18.44 0.19
CA ARG B 27 24.00 -19.21 1.25
C ARG B 27 23.26 -20.50 1.48
N PRO B 28 23.98 -21.59 1.79
CA PRO B 28 23.39 -22.90 2.04
C PRO B 28 22.27 -22.88 3.07
N GLU B 29 22.47 -22.12 4.15
CA GLU B 29 21.49 -22.03 5.23
C GLU B 29 20.20 -21.36 4.78
N HIS B 30 20.29 -20.54 3.73
CA HIS B 30 19.12 -19.86 3.24
C HIS B 30 18.01 -20.84 2.90
N ALA B 31 18.37 -22.07 2.54
CA ALA B 31 17.36 -23.07 2.18
C ALA B 31 16.46 -23.40 3.36
N ARG B 32 16.94 -23.11 4.57
CA ARG B 32 16.18 -23.36 5.78
C ARG B 32 14.98 -22.41 5.90
N GLU B 33 15.04 -21.32 5.14
CA GLU B 33 13.99 -20.30 5.13
C GLU B 33 12.76 -20.65 4.28
N ARG B 34 12.76 -21.83 3.65
CA ARG B 34 11.63 -22.27 2.84
C ARG B 34 10.41 -22.49 3.73
N LEU B 35 9.25 -22.34 3.13
CA LEU B 35 7.98 -22.49 3.83
C LEU B 35 7.77 -23.88 4.45
N GLN B 36 7.27 -23.90 5.68
CA GLN B 36 6.94 -25.15 6.36
C GLN B 36 5.43 -25.09 6.50
N ASP B 37 4.74 -25.89 5.69
CA ASP B 37 3.30 -25.94 5.66
C ASP B 37 2.64 -26.88 6.67
N ASP B 38 3.44 -27.45 7.57
CA ASP B 38 2.92 -28.35 8.61
C ASP B 38 2.03 -29.44 8.03
N SER B 39 2.26 -29.77 6.77
CA SER B 39 1.48 -30.78 6.06
C SER B 39 -0.01 -30.47 6.01
N VAL B 40 -0.34 -29.20 6.22
CA VAL B 40 -1.72 -28.73 6.14
C VAL B 40 -1.69 -27.79 4.94
N GLU B 41 -2.19 -28.26 3.82
CA GLU B 41 -2.20 -27.45 2.63
C GLU B 41 -3.46 -26.61 2.48
N THR B 42 -3.27 -25.31 2.24
CA THR B 42 -4.40 -24.40 2.01
C THR B 42 -3.98 -23.55 0.81
N VAL B 43 -4.94 -22.85 0.22
CA VAL B 43 -4.66 -21.98 -0.92
C VAL B 43 -3.45 -21.08 -0.64
N THR B 44 -3.42 -20.49 0.54
CA THR B 44 -2.32 -19.62 0.92
C THR B 44 -0.94 -20.29 0.81
N SER B 45 -0.79 -21.47 1.44
CA SER B 45 0.51 -22.16 1.41
C SER B 45 0.87 -22.65 0.02
N ILE B 46 -0.11 -23.13 -0.74
CA ILE B 46 0.11 -23.62 -2.09
C ILE B 46 0.66 -22.49 -2.96
N GLU B 47 0.02 -21.32 -2.89
CA GLU B 47 0.46 -20.17 -3.67
C GLU B 47 1.82 -19.69 -3.25
N GLN B 48 2.08 -19.71 -1.94
CA GLN B 48 3.37 -19.26 -1.42
C GLN B 48 4.49 -20.21 -1.90
N ALA B 49 4.23 -21.51 -1.86
CA ALA B 49 5.21 -22.51 -2.30
C ALA B 49 5.56 -22.33 -3.77
N LYS B 50 4.57 -22.03 -4.60
CA LYS B 50 4.80 -21.81 -6.03
C LYS B 50 5.77 -20.66 -6.27
N VAL B 51 5.57 -19.56 -5.54
CA VAL B 51 6.45 -18.40 -5.67
C VAL B 51 7.85 -18.76 -5.20
N GLU B 52 7.97 -19.46 -4.08
CA GLU B 52 9.28 -19.82 -3.54
C GLU B 52 10.05 -20.73 -4.47
N GLU B 53 9.33 -21.60 -5.17
CA GLU B 53 9.99 -22.52 -6.09
C GLU B 53 10.52 -21.72 -7.28
N LYS B 54 9.74 -20.76 -7.75
CA LYS B 54 10.15 -19.93 -8.88
C LYS B 54 11.33 -19.03 -8.48
N ILE B 55 11.29 -18.49 -7.27
CA ILE B 55 12.36 -17.63 -6.77
C ILE B 55 13.63 -18.45 -6.52
N GLN B 56 13.47 -19.68 -6.04
CA GLN B 56 14.63 -20.53 -5.81
C GLN B 56 15.37 -20.75 -7.14
N GLU B 57 14.63 -20.99 -8.23
CA GLU B 57 15.21 -21.18 -9.55
C GLU B 57 16.07 -19.98 -9.93
N VAL B 58 15.59 -18.77 -9.68
CA VAL B 58 16.36 -17.57 -10.00
C VAL B 58 17.64 -17.58 -9.17
N PHE B 59 17.53 -17.86 -7.87
CA PHE B 59 18.69 -17.89 -6.99
C PHE B 59 19.73 -18.92 -7.46
N SER B 60 19.31 -20.16 -7.70
CA SER B 60 20.18 -21.25 -8.16
C SER B 60 20.66 -21.18 -9.61
N SER B 61 20.12 -20.25 -10.42
CA SER B 61 20.48 -20.15 -11.83
C SER B 61 21.98 -20.05 -12.12
N TYR B 62 22.69 -19.23 -11.35
CA TYR B 62 24.14 -19.04 -11.56
C TYR B 62 24.89 -20.35 -11.33
N LYS B 63 24.46 -21.06 -10.27
CA LYS B 63 25.00 -22.35 -9.87
C LYS B 63 24.75 -23.43 -10.93
N PHE B 64 23.53 -23.52 -11.44
CA PHE B 64 23.21 -24.53 -12.45
C PHE B 64 23.88 -24.22 -13.79
N ASN B 65 24.18 -22.94 -14.00
CA ASN B 65 24.85 -22.47 -15.22
C ASN B 65 26.38 -22.42 -15.09
N HIS B 66 26.87 -22.53 -13.86
CA HIS B 66 28.30 -22.54 -13.56
C HIS B 66 28.91 -21.19 -13.91
N LEU B 67 28.33 -20.14 -13.33
CA LEU B 67 28.78 -18.78 -13.55
C LEU B 67 28.82 -18.10 -12.19
N VAL B 68 29.70 -17.12 -12.01
CA VAL B 68 29.73 -16.40 -10.75
C VAL B 68 28.68 -15.27 -10.85
N PRO B 69 27.76 -15.20 -9.86
CA PRO B 69 26.71 -14.18 -9.84
C PRO B 69 27.21 -12.75 -9.76
N ARG B 70 26.64 -11.91 -10.62
CA ARG B 70 26.95 -10.50 -10.66
C ARG B 70 25.60 -9.77 -10.71
N LEU B 71 25.35 -8.98 -9.66
CA LEU B 71 24.11 -8.21 -9.53
C LEU B 71 24.28 -6.85 -10.15
N VAL B 72 23.72 -6.71 -11.34
CA VAL B 72 23.78 -5.48 -12.11
C VAL B 72 22.41 -4.85 -12.32
N LEU B 73 22.28 -3.58 -11.92
CA LEU B 73 21.05 -2.85 -12.15
C LEU B 73 21.16 -2.44 -13.62
N GLN B 74 20.29 -2.97 -14.47
CA GLN B 74 20.32 -2.65 -15.90
C GLN B 74 19.94 -1.20 -16.24
N ARG B 75 20.71 -0.23 -15.76
CA ARG B 75 20.43 1.19 -15.99
C ARG B 75 20.08 1.64 -17.40
N GLU B 76 20.92 1.30 -18.37
CA GLU B 76 20.68 1.72 -19.75
C GLU B 76 19.34 1.20 -20.27
N LYS B 77 19.03 -0.04 -19.95
CA LYS B 77 17.76 -0.64 -20.36
C LYS B 77 16.58 0.08 -19.71
N HIS B 78 16.68 0.37 -18.41
CA HIS B 78 15.62 1.07 -17.68
C HIS B 78 15.44 2.49 -18.20
N PHE B 79 16.54 3.16 -18.48
CA PHE B 79 16.50 4.51 -19.02
C PHE B 79 15.76 4.56 -20.36
N HIS B 80 16.12 3.68 -21.28
CA HIS B 80 15.47 3.67 -22.58
C HIS B 80 13.96 3.53 -22.43
N TYR B 81 13.56 2.56 -21.60
CA TYR B 81 12.15 2.25 -21.31
C TYR B 81 11.40 3.47 -20.78
N LEU B 82 12.00 4.16 -19.82
CA LEU B 82 11.41 5.35 -19.21
C LEU B 82 11.39 6.53 -20.18
N LYS B 83 12.53 6.82 -20.79
CA LYS B 83 12.69 7.91 -21.73
C LYS B 83 11.56 7.91 -22.80
N ARG B 84 11.28 6.74 -23.37
CA ARG B 84 10.24 6.63 -24.40
C ARG B 84 8.84 6.73 -23.78
N GLY B 85 8.63 6.00 -22.69
CA GLY B 85 7.34 6.03 -22.03
C GLY B 85 6.92 7.42 -21.61
N LEU B 86 7.86 8.29 -21.30
CA LEU B 86 7.53 9.66 -20.88
C LEU B 86 6.90 10.41 -22.03
N ARG B 87 7.10 9.90 -23.24
CA ARG B 87 6.59 10.56 -24.43
C ARG B 87 5.38 9.89 -25.02
N GLN B 88 5.45 8.57 -25.15
CA GLN B 88 4.39 7.84 -25.79
C GLN B 88 4.22 6.45 -25.18
N LEU B 89 2.98 5.99 -25.09
CA LEU B 89 2.68 4.69 -24.51
C LEU B 89 1.75 3.90 -25.42
N THR B 90 1.81 2.58 -25.34
CA THR B 90 0.95 1.72 -26.16
C THR B 90 -0.44 1.67 -25.54
N ASP B 91 -1.38 1.06 -26.25
CA ASP B 91 -2.74 0.95 -25.75
C ASP B 91 -2.84 0.03 -24.54
N ALA B 92 -1.70 -0.48 -24.10
CA ALA B 92 -1.64 -1.32 -22.92
C ALA B 92 -1.93 -0.39 -21.72
N TYR B 93 -1.72 0.91 -21.93
CA TYR B 93 -1.95 1.87 -20.90
C TYR B 93 -3.32 2.54 -20.94
N GLU B 94 -4.24 1.95 -21.69
CA GLU B 94 -5.60 2.50 -21.76
C GLU B 94 -6.24 2.47 -20.36
N CYS B 95 -5.92 1.42 -19.58
CA CYS B 95 -6.44 1.27 -18.23
C CYS B 95 -5.91 2.33 -17.27
N LEU B 96 -4.95 3.13 -17.73
CA LEU B 96 -4.37 4.19 -16.91
C LEU B 96 -4.63 5.55 -17.55
N ASP B 97 -5.65 5.61 -18.41
CA ASP B 97 -6.02 6.86 -19.06
C ASP B 97 -6.54 7.90 -18.04
N ALA B 98 -6.91 7.45 -16.84
CA ALA B 98 -7.36 8.38 -15.81
C ALA B 98 -6.26 8.55 -14.75
N SER B 99 -5.02 8.23 -15.13
CA SER B 99 -3.89 8.33 -14.21
C SER B 99 -2.67 8.89 -14.91
N ARG B 100 -2.87 9.79 -15.87
CA ARG B 100 -1.72 10.32 -16.57
C ARG B 100 -0.71 11.07 -15.72
N PRO B 101 -1.18 11.80 -14.68
CA PRO B 101 -0.17 12.49 -13.86
C PRO B 101 0.65 11.45 -13.09
N TRP B 102 0.08 10.27 -12.85
CA TRP B 102 0.84 9.22 -12.18
C TRP B 102 1.91 8.72 -13.13
N LEU B 103 1.57 8.57 -14.41
CA LEU B 103 2.55 8.14 -15.38
C LEU B 103 3.68 9.16 -15.43
N CYS B 104 3.37 10.44 -15.34
CA CYS B 104 4.41 11.46 -15.33
C CYS B 104 5.29 11.27 -14.09
N TYR B 105 4.65 11.20 -12.93
CA TYR B 105 5.38 11.06 -11.68
C TYR B 105 6.25 9.79 -11.63
N TRP B 106 5.64 8.64 -11.89
CA TRP B 106 6.38 7.37 -11.85
C TRP B 106 7.64 7.40 -12.73
N ILE B 107 7.50 7.95 -13.92
CA ILE B 107 8.60 8.02 -14.87
C ILE B 107 9.67 9.03 -14.45
N LEU B 108 9.26 10.28 -14.20
CA LEU B 108 10.19 11.30 -13.76
C LEU B 108 10.94 10.90 -12.50
N HIS B 109 10.25 10.26 -11.56
CA HIS B 109 10.90 9.84 -10.32
C HIS B 109 11.92 8.72 -10.59
N SER B 110 11.55 7.76 -11.44
CA SER B 110 12.47 6.67 -11.75
C SER B 110 13.74 7.26 -12.41
N LEU B 111 13.56 8.22 -13.31
CA LEU B 111 14.68 8.86 -13.98
C LEU B 111 15.52 9.60 -12.95
N GLU B 112 14.88 10.30 -12.03
CA GLU B 112 15.55 11.04 -10.98
C GLU B 112 16.41 10.10 -10.11
N LEU B 113 15.85 8.94 -9.77
CA LEU B 113 16.55 7.95 -8.95
C LEU B 113 17.78 7.45 -9.70
N LEU B 114 17.63 7.24 -11.01
CA LEU B 114 18.69 6.76 -11.89
C LEU B 114 19.67 7.87 -12.26
N ASP B 115 19.43 9.06 -11.72
CA ASP B 115 20.28 10.21 -11.96
C ASP B 115 20.36 10.63 -13.44
N GLU B 116 19.23 10.55 -14.13
CA GLU B 116 19.16 10.95 -15.52
C GLU B 116 18.54 12.34 -15.54
N PRO B 117 19.22 13.31 -16.16
CA PRO B 117 18.69 14.68 -16.22
C PRO B 117 17.40 14.81 -17.01
N ILE B 118 16.60 15.81 -16.64
CA ILE B 118 15.34 16.05 -17.31
C ILE B 118 15.55 17.24 -18.23
N PRO B 119 15.61 17.00 -19.55
CA PRO B 119 15.81 18.08 -20.54
C PRO B 119 14.73 19.14 -20.37
N GLN B 120 15.06 20.40 -20.59
CA GLN B 120 14.06 21.46 -20.44
C GLN B 120 12.94 21.41 -21.49
N ILE B 121 13.15 20.70 -22.59
CA ILE B 121 12.11 20.53 -23.61
C ILE B 121 11.05 19.65 -22.90
N VAL B 122 11.53 18.56 -22.31
CA VAL B 122 10.68 17.63 -21.59
C VAL B 122 9.99 18.30 -20.39
N ALA B 123 10.77 18.97 -19.56
CA ALA B 123 10.24 19.66 -18.39
C ALA B 123 9.08 20.61 -18.74
N THR B 124 9.28 21.45 -19.75
CA THR B 124 8.25 22.41 -20.13
C THR B 124 6.97 21.72 -20.67
N ASP B 125 7.14 20.63 -21.40
CA ASP B 125 5.99 19.91 -21.94
C ASP B 125 5.20 19.22 -20.83
N VAL B 126 5.90 18.71 -19.81
CA VAL B 126 5.24 18.07 -18.67
C VAL B 126 4.43 19.15 -17.96
N CYS B 127 5.04 20.30 -17.73
CA CYS B 127 4.37 21.42 -17.07
C CYS B 127 3.10 21.77 -17.80
N GLN B 128 3.20 21.98 -19.11
CA GLN B 128 2.04 22.35 -19.90
C GLN B 128 0.98 21.27 -19.89
N PHE B 129 1.40 20.01 -19.89
CA PHE B 129 0.44 18.92 -19.86
C PHE B 129 -0.30 18.89 -18.52
N LEU B 130 0.44 19.03 -17.41
CA LEU B 130 -0.20 19.03 -16.09
C LEU B 130 -1.13 20.22 -15.91
N GLU B 131 -0.85 21.32 -16.61
CA GLU B 131 -1.71 22.48 -16.55
C GLU B 131 -3.04 22.11 -17.16
N LEU B 132 -2.98 21.38 -18.29
CA LEU B 132 -4.19 20.93 -18.98
C LEU B 132 -5.01 20.00 -18.09
N CYS B 133 -4.34 19.29 -17.20
CA CYS B 133 -5.01 18.38 -16.27
C CYS B 133 -5.57 19.11 -15.05
N GLN B 134 -5.09 20.33 -14.79
CA GLN B 134 -5.55 21.06 -13.62
C GLN B 134 -6.99 21.54 -13.78
N SER B 135 -7.78 21.33 -12.76
CA SER B 135 -9.18 21.73 -12.78
C SER B 135 -9.37 23.21 -12.50
N PRO B 136 -10.41 23.83 -13.10
CA PRO B 136 -10.70 25.25 -12.89
C PRO B 136 -11.01 25.49 -11.40
N ASP B 137 -11.43 24.43 -10.71
CA ASP B 137 -11.76 24.54 -9.30
C ASP B 137 -10.73 23.97 -8.32
N GLY B 138 -9.53 23.69 -8.82
CA GLY B 138 -8.47 23.18 -7.97
C GLY B 138 -8.24 21.69 -8.10
N GLY B 139 -7.00 21.29 -7.89
CA GLY B 139 -6.66 19.89 -7.99
C GLY B 139 -6.39 19.52 -9.44
N PHE B 140 -5.88 18.32 -9.65
CA PHE B 140 -5.58 17.82 -10.97
C PHE B 140 -6.38 16.57 -11.24
N GLY B 141 -6.77 16.38 -12.49
CA GLY B 141 -7.53 15.21 -12.88
C GLY B 141 -6.60 14.20 -13.50
N GLY B 142 -7.15 13.06 -13.92
CA GLY B 142 -6.34 12.01 -14.53
C GLY B 142 -5.89 12.29 -15.94
N GLY B 143 -6.46 13.33 -16.52
CA GLY B 143 -6.13 13.72 -17.87
C GLY B 143 -6.89 15.00 -18.15
N PRO B 144 -6.65 15.65 -19.30
CA PRO B 144 -7.35 16.89 -19.65
C PRO B 144 -8.85 16.70 -19.70
N GLY B 145 -9.59 17.56 -19.01
CA GLY B 145 -11.03 17.48 -19.01
C GLY B 145 -11.61 16.54 -17.97
N GLN B 146 -10.76 15.81 -17.24
CA GLN B 146 -11.27 14.90 -16.23
C GLN B 146 -11.42 15.64 -14.91
N TYR B 147 -12.36 15.22 -14.07
CA TYR B 147 -12.56 15.88 -12.79
C TYR B 147 -11.33 15.71 -11.90
N PRO B 148 -11.07 16.68 -11.02
CA PRO B 148 -9.92 16.59 -10.12
C PRO B 148 -10.09 15.42 -9.14
N HIS B 149 -8.99 14.80 -8.74
CA HIS B 149 -9.01 13.65 -7.85
C HIS B 149 -7.74 13.76 -7.02
N LEU B 150 -7.78 13.43 -5.73
CA LEU B 150 -6.57 13.54 -4.89
C LEU B 150 -5.37 12.70 -5.31
N ALA B 151 -5.58 11.54 -5.92
CA ALA B 151 -4.44 10.73 -6.31
C ALA B 151 -3.64 11.42 -7.44
N PRO B 152 -4.30 11.77 -8.57
CA PRO B 152 -3.52 12.43 -9.63
C PRO B 152 -3.02 13.83 -9.19
N THR B 153 -3.68 14.42 -8.18
CA THR B 153 -3.26 15.72 -7.64
C THR B 153 -1.93 15.52 -6.89
N TYR B 154 -1.82 14.43 -6.13
CA TYR B 154 -0.60 14.12 -5.40
C TYR B 154 0.52 13.86 -6.39
N ALA B 155 0.22 13.06 -7.40
CA ALA B 155 1.19 12.72 -8.44
C ALA B 155 1.64 13.93 -9.23
N ALA B 156 0.70 14.79 -9.60
CA ALA B 156 1.03 15.98 -10.37
C ALA B 156 1.95 16.94 -9.59
N VAL B 157 1.63 17.18 -8.33
CA VAL B 157 2.45 18.05 -7.50
C VAL B 157 3.86 17.44 -7.36
N ASN B 158 3.95 16.13 -7.10
CA ASN B 158 5.26 15.51 -6.98
C ASN B 158 6.07 15.65 -8.27
N ALA B 159 5.42 15.42 -9.41
CA ALA B 159 6.10 15.53 -10.70
C ALA B 159 6.61 16.96 -10.92
N LEU B 160 5.77 17.97 -10.65
CA LEU B 160 6.17 19.37 -10.83
C LEU B 160 7.34 19.73 -9.90
N CYS B 161 7.38 19.13 -8.71
CA CYS B 161 8.46 19.37 -7.74
C CYS B 161 9.75 18.68 -8.16
N ILE B 162 9.64 17.52 -8.78
CA ILE B 162 10.83 16.80 -9.27
C ILE B 162 11.48 17.70 -10.34
N ILE B 163 10.64 18.33 -11.16
CA ILE B 163 11.16 19.24 -12.17
C ILE B 163 11.78 20.41 -11.42
N GLY B 164 11.01 20.97 -10.49
CA GLY B 164 11.52 22.03 -9.65
C GLY B 164 11.90 23.37 -10.23
N THR B 165 11.35 23.73 -11.38
CA THR B 165 11.65 25.02 -11.97
C THR B 165 10.56 26.01 -11.57
N GLU B 166 10.82 27.30 -11.73
CA GLU B 166 9.85 28.34 -11.40
C GLU B 166 8.61 28.05 -12.22
N GLU B 167 8.81 27.67 -13.48
CA GLU B 167 7.69 27.34 -14.37
C GLU B 167 6.87 26.20 -13.78
N ALA B 168 7.54 25.15 -13.31
CA ALA B 168 6.86 23.99 -12.72
C ALA B 168 6.04 24.39 -11.49
N TYR B 169 6.67 25.06 -10.55
CA TYR B 169 6.00 25.50 -9.34
C TYR B 169 4.81 26.42 -9.67
N ASN B 170 4.98 27.29 -10.66
CA ASN B 170 3.92 28.23 -11.03
C ASN B 170 2.67 27.62 -11.61
N VAL B 171 2.73 26.36 -12.02
CA VAL B 171 1.57 25.67 -12.59
C VAL B 171 0.49 25.48 -11.54
N ILE B 172 0.90 25.19 -10.31
CA ILE B 172 -0.05 24.94 -9.24
C ILE B 172 -0.85 26.17 -8.78
N ASN B 173 -2.16 26.10 -8.93
CA ASN B 173 -3.01 27.19 -8.49
C ASN B 173 -3.26 26.87 -7.00
N ARG B 174 -2.48 27.50 -6.13
CA ARG B 174 -2.56 27.27 -4.70
C ARG B 174 -3.87 27.62 -4.02
N GLU B 175 -4.55 28.69 -4.46
CA GLU B 175 -5.81 29.10 -3.85
C GLU B 175 -6.91 28.08 -4.15
N LYS B 176 -7.03 27.71 -5.42
CA LYS B 176 -8.04 26.75 -5.81
C LYS B 176 -7.70 25.37 -5.23
N LEU B 177 -6.41 25.05 -5.13
CA LEU B 177 -6.00 23.76 -4.55
C LEU B 177 -6.52 23.65 -3.11
N LEU B 178 -6.34 24.71 -2.33
CA LEU B 178 -6.80 24.73 -0.94
C LEU B 178 -8.32 24.62 -0.90
N GLN B 179 -9.00 25.34 -1.78
CA GLN B 179 -10.46 25.25 -1.84
C GLN B 179 -10.86 23.82 -2.13
N TYR B 180 -10.18 23.20 -3.09
CA TYR B 180 -10.43 21.81 -3.46
C TYR B 180 -10.29 20.91 -2.23
N LEU B 181 -9.20 21.02 -1.50
CA LEU B 181 -9.01 20.18 -0.31
C LEU B 181 -10.15 20.35 0.69
N TYR B 182 -10.60 21.58 0.89
CA TYR B 182 -11.69 21.83 1.83
C TYR B 182 -12.98 21.20 1.35
N SER B 183 -13.22 21.23 0.04
CA SER B 183 -14.45 20.64 -0.48
C SER B 183 -14.50 19.13 -0.28
N LEU B 184 -13.36 18.50 -0.01
CA LEU B 184 -13.32 17.05 0.19
C LEU B 184 -13.31 16.62 1.65
N LYS B 185 -12.96 17.55 2.53
CA LYS B 185 -12.87 17.29 3.98
C LYS B 185 -14.20 16.86 4.62
N GLN B 186 -14.12 15.83 5.46
CA GLN B 186 -15.29 15.29 6.15
C GLN B 186 -15.32 15.66 7.63
N PRO B 187 -16.50 15.60 8.25
CA PRO B 187 -16.63 15.93 9.68
C PRO B 187 -15.81 14.99 10.56
N ASP B 188 -15.61 13.75 10.15
CA ASP B 188 -14.84 12.82 10.97
C ASP B 188 -13.31 12.95 10.82
N GLY B 189 -12.86 13.94 10.05
CA GLY B 189 -11.43 14.14 9.86
C GLY B 189 -10.85 13.58 8.57
N SER B 190 -11.60 12.71 7.91
CA SER B 190 -11.15 12.11 6.65
C SER B 190 -11.45 13.02 5.47
N PHE B 191 -11.05 12.57 4.29
CA PHE B 191 -11.27 13.31 3.05
C PHE B 191 -11.81 12.34 1.99
N LEU B 192 -12.59 12.86 1.06
CA LEU B 192 -13.07 12.01 -0.05
C LEU B 192 -11.88 12.02 -1.02
N MET B 193 -11.82 11.07 -1.94
CA MET B 193 -10.74 11.07 -2.92
C MET B 193 -11.03 12.11 -4.00
N HIS B 194 -12.33 12.32 -4.24
CA HIS B 194 -12.80 13.28 -5.23
C HIS B 194 -14.30 13.48 -4.94
N VAL B 195 -14.91 14.49 -5.55
CA VAL B 195 -16.33 14.77 -5.32
C VAL B 195 -17.20 13.57 -5.70
N GLY B 196 -17.97 13.08 -4.73
CA GLY B 196 -18.81 11.93 -4.96
C GLY B 196 -17.99 10.64 -4.92
N GLY B 197 -16.76 10.73 -4.42
CA GLY B 197 -15.87 9.56 -4.37
C GLY B 197 -15.77 8.83 -3.05
N GLU B 198 -14.86 7.86 -3.01
CA GLU B 198 -14.65 7.04 -1.83
C GLU B 198 -13.69 7.69 -0.82
N VAL B 199 -13.70 7.14 0.39
CA VAL B 199 -12.85 7.60 1.47
C VAL B 199 -11.99 6.47 1.98
N ASP B 200 -10.69 6.72 2.11
CA ASP B 200 -9.75 5.77 2.71
C ASP B 200 -8.51 6.57 3.01
N VAL B 201 -7.56 5.96 3.73
CA VAL B 201 -6.36 6.68 4.14
C VAL B 201 -5.50 7.32 3.06
N ARG B 202 -5.67 6.89 1.81
CA ARG B 202 -4.90 7.49 0.72
C ARG B 202 -5.18 8.99 0.66
N SER B 203 -6.44 9.38 0.87
CA SER B 203 -6.79 10.79 0.75
C SER B 203 -6.08 11.69 1.74
N ALA B 204 -5.95 11.23 2.97
CA ALA B 204 -5.29 11.98 4.04
C ALA B 204 -3.85 12.26 3.63
N TYR B 205 -3.17 11.22 3.16
CA TYR B 205 -1.78 11.35 2.69
C TYR B 205 -1.67 12.27 1.47
N CYS B 206 -2.49 12.04 0.45
CA CYS B 206 -2.44 12.86 -0.76
C CYS B 206 -2.64 14.32 -0.39
N ALA B 207 -3.62 14.59 0.48
CA ALA B 207 -3.92 15.95 0.93
C ALA B 207 -2.76 16.60 1.71
N ALA B 208 -2.26 15.88 2.72
CA ALA B 208 -1.16 16.38 3.54
C ALA B 208 0.10 16.60 2.69
N SER B 209 0.37 15.69 1.76
CA SER B 209 1.56 15.80 0.90
C SER B 209 1.55 17.08 0.07
N VAL B 210 0.49 17.29 -0.72
CA VAL B 210 0.39 18.49 -1.54
C VAL B 210 0.25 19.77 -0.72
N ALA B 211 -0.56 19.75 0.34
CA ALA B 211 -0.75 20.94 1.16
C ALA B 211 0.54 21.36 1.88
N SER B 212 1.31 20.39 2.35
CA SER B 212 2.56 20.73 3.03
C SER B 212 3.57 21.26 2.03
N LEU B 213 3.72 20.59 0.90
CA LEU B 213 4.68 21.03 -0.10
C LEU B 213 4.38 22.45 -0.60
N THR B 214 3.13 22.72 -0.91
CA THR B 214 2.75 24.05 -1.41
C THR B 214 2.50 25.12 -0.35
N ASN B 215 2.66 24.78 0.93
CA ASN B 215 2.42 25.73 2.02
C ASN B 215 1.00 26.32 1.97
N ILE B 216 -0.01 25.47 2.04
CA ILE B 216 -1.40 25.95 2.05
C ILE B 216 -2.14 25.42 3.26
N ILE B 217 -1.40 24.86 4.22
CA ILE B 217 -2.01 24.31 5.42
C ILE B 217 -2.52 25.41 6.37
N THR B 218 -3.83 25.56 6.46
CA THR B 218 -4.45 26.53 7.34
C THR B 218 -4.56 25.85 8.70
N PRO B 219 -4.87 26.60 9.77
CA PRO B 219 -4.99 26.00 11.12
C PRO B 219 -6.01 24.85 11.34
N ASP B 220 -7.09 24.83 10.56
CA ASP B 220 -8.11 23.79 10.75
C ASP B 220 -8.26 22.74 9.62
N LEU B 221 -7.52 22.92 8.52
CA LEU B 221 -7.62 22.01 7.39
C LEU B 221 -7.59 20.53 7.78
N PHE B 222 -6.64 20.18 8.64
CA PHE B 222 -6.50 18.78 9.07
C PHE B 222 -7.04 18.46 10.43
N GLU B 223 -8.07 19.21 10.83
CA GLU B 223 -8.71 19.05 12.14
C GLU B 223 -9.27 17.64 12.19
N GLY B 224 -8.88 16.88 13.21
CA GLY B 224 -9.40 15.53 13.34
C GLY B 224 -8.84 14.49 12.39
N THR B 225 -7.97 14.91 11.48
CA THR B 225 -7.38 13.97 10.52
C THR B 225 -6.44 12.97 11.18
N ALA B 226 -5.62 13.45 12.10
CA ALA B 226 -4.68 12.56 12.79
C ALA B 226 -5.43 11.49 13.58
N GLU B 227 -6.55 11.88 14.18
CA GLU B 227 -7.34 10.96 14.98
C GLU B 227 -7.97 9.92 14.09
N TRP B 228 -8.50 10.37 12.95
CA TRP B 228 -9.10 9.44 12.02
C TRP B 228 -8.06 8.43 11.54
N ILE B 229 -6.87 8.91 11.18
CA ILE B 229 -5.80 8.01 10.72
C ILE B 229 -5.47 7.01 11.84
N ALA B 230 -5.40 7.50 13.08
CA ALA B 230 -5.07 6.65 14.22
C ALA B 230 -6.11 5.50 14.40
N ARG B 231 -7.37 5.77 14.06
CA ARG B 231 -8.42 4.77 14.15
C ARG B 231 -8.23 3.62 13.14
N CYS B 232 -7.43 3.88 12.10
CA CYS B 232 -7.15 2.88 11.07
C CYS B 232 -6.13 1.85 11.53
N GLN B 233 -5.34 2.16 12.55
CA GLN B 233 -4.39 1.19 13.08
C GLN B 233 -5.21 0.09 13.77
N ASN B 234 -4.97 -1.17 13.42
CA ASN B 234 -5.74 -2.26 14.01
C ASN B 234 -4.95 -3.18 14.92
N TRP B 235 -5.57 -4.28 15.33
CA TRP B 235 -4.96 -5.27 16.22
C TRP B 235 -3.62 -5.84 15.74
N GLU B 236 -3.36 -5.75 14.43
CA GLU B 236 -2.12 -6.29 13.85
C GLU B 236 -0.91 -5.39 14.06
N GLY B 237 -1.17 -4.10 14.29
CA GLY B 237 -0.09 -3.16 14.46
C GLY B 237 -0.01 -2.26 13.25
N GLY B 238 -0.42 -2.78 12.09
CA GLY B 238 -0.39 -1.99 10.87
C GLY B 238 -1.64 -1.14 10.73
N ILE B 239 -1.79 -0.49 9.58
CA ILE B 239 -2.91 0.40 9.29
C ILE B 239 -3.73 -0.10 8.09
N GLY B 240 -5.05 -0.05 8.22
CA GLY B 240 -5.94 -0.48 7.15
C GLY B 240 -6.47 0.75 6.39
N GLY B 241 -7.16 0.54 5.28
CA GLY B 241 -7.68 1.65 4.51
C GLY B 241 -8.65 2.57 5.24
N VAL B 242 -9.51 1.96 6.05
CA VAL B 242 -10.51 2.66 6.85
C VAL B 242 -10.58 1.87 8.18
N PRO B 243 -11.09 2.51 9.26
CA PRO B 243 -11.20 1.84 10.56
C PRO B 243 -11.85 0.46 10.46
N GLY B 244 -11.20 -0.54 11.05
CA GLY B 244 -11.73 -1.89 11.02
C GLY B 244 -11.13 -2.82 9.98
N MET B 245 -10.52 -2.24 8.95
CA MET B 245 -9.93 -3.04 7.88
C MET B 245 -8.53 -3.60 8.14
N GLU B 246 -8.24 -4.74 7.50
CA GLU B 246 -6.97 -5.45 7.62
C GLU B 246 -5.77 -4.55 7.37
N ALA B 247 -4.70 -4.77 8.14
CA ALA B 247 -3.45 -4.00 8.02
C ALA B 247 -2.85 -4.22 6.64
N HIS B 248 -2.48 -3.13 5.98
CA HIS B 248 -2.00 -3.17 4.60
C HIS B 248 -0.87 -2.19 4.38
N GLY B 249 0.20 -2.65 3.73
CA GLY B 249 1.37 -1.81 3.49
C GLY B 249 1.17 -0.47 2.82
N GLY B 250 0.37 -0.43 1.76
CA GLY B 250 0.13 0.82 1.05
C GLY B 250 -0.58 1.82 1.92
N TYR B 251 -1.61 1.36 2.62
CA TYR B 251 -2.38 2.23 3.50
C TYR B 251 -1.58 2.61 4.73
N THR B 252 -0.75 1.69 5.22
CA THR B 252 0.10 1.96 6.38
C THR B 252 1.07 3.06 6.02
N PHE B 253 1.70 2.94 4.86
CA PHE B 253 2.60 3.97 4.42
C PHE B 253 1.84 5.30 4.38
N CYS B 254 0.67 5.32 3.75
CA CYS B 254 -0.12 6.54 3.66
C CYS B 254 -0.44 7.13 5.05
N GLY B 255 -0.81 6.26 5.99
CA GLY B 255 -1.15 6.72 7.33
C GLY B 255 0.02 7.33 8.08
N LEU B 256 1.10 6.57 8.18
CA LEU B 256 2.29 7.03 8.88
C LEU B 256 2.84 8.28 8.22
N ALA B 257 3.07 8.23 6.91
CA ALA B 257 3.61 9.39 6.21
C ALA B 257 2.76 10.65 6.44
N ALA B 258 1.44 10.51 6.43
CA ALA B 258 0.55 11.64 6.65
C ALA B 258 0.73 12.14 8.08
N LEU B 259 0.79 11.21 9.04
CA LEU B 259 0.98 11.58 10.45
C LEU B 259 2.33 12.25 10.66
N VAL B 260 3.35 11.82 9.94
CA VAL B 260 4.67 12.43 10.06
C VAL B 260 4.56 13.86 9.57
N ILE B 261 3.85 14.08 8.47
CA ILE B 261 3.70 15.43 7.94
C ILE B 261 2.96 16.32 8.94
N LEU B 262 1.92 15.76 9.57
CA LEU B 262 1.11 16.50 10.55
C LEU B 262 1.78 16.57 11.92
N LYS B 263 2.92 15.90 12.06
CA LYS B 263 3.69 15.86 13.30
C LYS B 263 2.86 15.24 14.43
N LYS B 264 2.21 14.12 14.12
CA LYS B 264 1.37 13.41 15.07
C LYS B 264 1.61 11.92 15.07
N GLU B 265 2.79 11.48 14.66
CA GLU B 265 3.12 10.05 14.60
C GLU B 265 2.81 9.39 15.92
N ARG B 266 3.01 10.15 16.99
CA ARG B 266 2.79 9.64 18.34
C ARG B 266 1.35 9.18 18.65
N SER B 267 0.38 9.57 17.82
CA SER B 267 -1.01 9.15 18.02
C SER B 267 -1.09 7.63 17.85
N LEU B 268 -0.11 7.06 17.15
CA LEU B 268 -0.06 5.62 16.89
C LEU B 268 0.73 4.85 17.92
N ASN B 269 0.50 3.54 17.98
CA ASN B 269 1.29 2.69 18.85
C ASN B 269 2.42 2.27 17.88
N LEU B 270 3.48 3.07 17.88
CA LEU B 270 4.62 2.84 17.01
C LEU B 270 5.32 1.51 17.23
N LYS B 271 5.20 0.97 18.43
CA LYS B 271 5.84 -0.29 18.76
C LYS B 271 5.17 -1.43 17.97
N SER B 272 3.85 -1.52 18.02
CA SER B 272 3.16 -2.58 17.30
C SER B 272 3.27 -2.35 15.80
N LEU B 273 3.35 -1.08 15.38
CA LEU B 273 3.51 -0.76 13.97
C LEU B 273 4.86 -1.32 13.49
N LEU B 274 5.92 -1.00 14.23
CA LEU B 274 7.25 -1.48 13.90
C LEU B 274 7.31 -3.00 13.88
N GLN B 275 6.67 -3.67 14.82
CA GLN B 275 6.74 -5.12 14.81
C GLN B 275 6.00 -5.70 13.60
N TRP B 276 4.92 -5.03 13.20
CA TRP B 276 4.15 -5.50 12.06
C TRP B 276 4.91 -5.32 10.74
N VAL B 277 5.41 -4.12 10.46
CA VAL B 277 6.13 -3.93 9.20
C VAL B 277 7.35 -4.83 9.07
N THR B 278 8.15 -4.98 10.13
CA THR B 278 9.33 -5.82 10.06
C THR B 278 8.96 -7.28 9.73
N SER B 279 7.79 -7.71 10.22
CA SER B 279 7.29 -9.07 9.97
C SER B 279 6.83 -9.26 8.52
N ARG B 280 6.70 -8.15 7.78
CA ARG B 280 6.24 -8.21 6.39
C ARG B 280 7.36 -8.55 5.39
N GLN B 281 8.61 -8.56 5.86
CA GLN B 281 9.69 -8.93 4.96
C GLN B 281 9.67 -10.46 4.91
N MET B 282 9.78 -11.01 3.70
CA MET B 282 9.72 -12.45 3.51
C MET B 282 11.08 -13.10 3.77
N ARG B 283 11.13 -14.06 4.67
CA ARG B 283 12.37 -14.74 5.04
C ARG B 283 13.10 -15.41 3.88
N PHE B 284 12.35 -16.03 2.96
CA PHE B 284 13.00 -16.68 1.84
C PHE B 284 13.28 -15.71 0.68
N GLU B 285 12.21 -15.09 0.15
CA GLU B 285 12.34 -14.17 -0.98
C GLU B 285 13.15 -12.91 -0.69
N GLY B 286 13.07 -12.37 0.53
CA GLY B 286 13.82 -11.17 0.84
C GLY B 286 13.06 -9.88 0.59
N GLY B 287 12.05 -9.94 -0.29
CA GLY B 287 11.23 -8.77 -0.56
C GLY B 287 10.11 -8.69 0.48
N PHE B 288 9.20 -7.74 0.31
CA PHE B 288 8.09 -7.54 1.23
C PHE B 288 6.72 -7.95 0.68
N GLN B 289 5.84 -8.37 1.57
CA GLN B 289 4.46 -8.72 1.20
C GLN B 289 3.62 -7.53 1.66
N GLY B 290 2.44 -7.36 1.07
CA GLY B 290 1.56 -6.26 1.42
C GLY B 290 0.73 -6.50 2.67
N ARG B 291 0.39 -7.76 2.90
CA ARG B 291 -0.40 -8.17 4.06
C ARG B 291 0.15 -9.50 4.53
N CYS B 292 -0.09 -9.82 5.81
CA CYS B 292 0.35 -11.08 6.40
C CYS B 292 -0.32 -12.22 5.62
N ASN B 293 0.45 -13.25 5.33
CA ASN B 293 -0.03 -14.41 4.58
C ASN B 293 -0.36 -14.20 3.09
N LYS B 294 0.19 -13.13 2.51
CA LYS B 294 0.03 -12.89 1.08
C LYS B 294 1.41 -12.97 0.40
N LEU B 295 1.46 -12.88 -0.92
CA LEU B 295 2.72 -13.02 -1.64
C LEU B 295 3.59 -11.78 -1.69
N VAL B 296 4.88 -12.02 -1.90
CA VAL B 296 5.88 -10.98 -2.01
C VAL B 296 5.54 -10.18 -3.28
N ASP B 297 5.93 -8.90 -3.32
CA ASP B 297 5.67 -8.06 -4.47
C ASP B 297 6.65 -6.89 -4.39
N GLY B 298 7.39 -6.69 -5.49
CA GLY B 298 8.36 -5.62 -5.56
C GLY B 298 7.92 -4.20 -5.23
N CYS B 299 6.67 -3.82 -5.49
CA CYS B 299 6.26 -2.42 -5.18
C CYS B 299 6.25 -2.19 -3.68
N TYR B 300 6.06 -3.24 -2.90
CA TYR B 300 6.04 -3.12 -1.45
C TYR B 300 7.43 -2.88 -0.88
N SER B 301 8.43 -2.98 -1.76
CA SER B 301 9.81 -2.69 -1.39
C SER B 301 9.77 -1.25 -0.95
N PHE B 302 8.84 -0.48 -1.50
CA PHE B 302 8.73 0.90 -1.07
C PHE B 302 7.67 1.11 0.01
N TRP B 303 6.42 0.77 -0.27
CA TRP B 303 5.37 0.99 0.71
C TRP B 303 5.72 0.43 2.09
N GLN B 304 6.29 -0.76 2.15
CA GLN B 304 6.65 -1.36 3.44
C GLN B 304 8.01 -0.88 3.98
N ALA B 305 9.07 -1.11 3.22
CA ALA B 305 10.39 -0.71 3.68
C ALA B 305 10.51 0.79 3.93
N GLY B 306 9.71 1.58 3.21
CA GLY B 306 9.73 3.03 3.38
C GLY B 306 9.27 3.45 4.78
N LEU B 307 8.56 2.56 5.47
CA LEU B 307 8.10 2.84 6.81
C LEU B 307 9.25 2.89 7.82
N LEU B 308 10.28 2.09 7.56
CA LEU B 308 11.41 2.02 8.49
C LEU B 308 12.10 3.35 8.70
N PRO B 309 12.38 4.10 7.63
CA PRO B 309 13.02 5.39 7.83
C PRO B 309 12.07 6.32 8.63
N LEU B 310 10.77 6.19 8.38
CA LEU B 310 9.79 7.00 9.10
C LEU B 310 9.76 6.67 10.58
N LEU B 311 9.76 5.37 10.89
CA LEU B 311 9.75 4.89 12.26
C LEU B 311 11.06 5.27 12.96
N HIS B 312 12.16 5.19 12.22
CA HIS B 312 13.44 5.55 12.80
C HIS B 312 13.40 7.03 13.20
N ARG B 313 12.94 7.88 12.29
CA ARG B 313 12.85 9.30 12.57
C ARG B 313 11.91 9.58 13.76
N ALA B 314 10.80 8.85 13.84
CA ALA B 314 9.84 9.06 14.93
C ALA B 314 10.39 8.59 16.27
N LEU B 315 10.88 7.35 16.31
CA LEU B 315 11.41 6.78 17.53
C LEU B 315 12.59 7.59 18.06
N HIS B 316 13.42 8.07 17.16
CA HIS B 316 14.57 8.89 17.52
C HIS B 316 14.12 10.20 18.14
N ALA B 317 13.05 10.78 17.59
CA ALA B 317 12.52 12.04 18.11
C ALA B 317 12.04 11.86 19.55
N GLN B 318 11.74 10.62 19.93
CA GLN B 318 11.31 10.31 21.28
C GLN B 318 12.52 9.98 22.15
N GLY B 319 13.72 10.24 21.63
CA GLY B 319 14.94 9.95 22.35
C GLY B 319 15.26 8.47 22.52
N ASP B 320 14.80 7.63 21.60
CA ASP B 320 15.06 6.20 21.68
C ASP B 320 16.58 6.00 21.55
N PRO B 321 17.21 5.47 22.61
CA PRO B 321 18.66 5.23 22.64
C PRO B 321 19.14 3.93 22.01
N ALA B 322 18.25 2.97 21.77
CA ALA B 322 18.67 1.70 21.19
C ALA B 322 18.72 1.67 19.66
N LEU B 323 18.32 2.75 19.01
CA LEU B 323 18.31 2.84 17.56
C LEU B 323 19.70 2.74 16.90
N SER B 324 19.82 1.86 15.90
CA SER B 324 21.07 1.70 15.16
C SER B 324 21.43 3.02 14.50
N MET B 325 22.73 3.22 14.28
CA MET B 325 23.20 4.45 13.66
C MET B 325 23.76 4.20 12.27
N SER B 326 23.49 3.02 11.73
CA SER B 326 23.98 2.67 10.40
C SER B 326 23.01 1.85 9.54
N HIS B 327 21.93 1.34 10.11
CA HIS B 327 20.97 0.52 9.34
C HIS B 327 19.52 0.76 9.73
N TRP B 328 18.63 0.53 8.77
CA TRP B 328 17.18 0.64 8.99
C TRP B 328 16.81 -0.68 9.64
N MET B 329 15.63 -0.76 10.25
CA MET B 329 15.26 -2.02 10.87
C MET B 329 14.69 -3.10 9.96
N PHE B 330 15.40 -3.34 8.85
CA PHE B 330 15.02 -4.40 7.92
C PHE B 330 16.29 -4.94 7.25
N HIS B 331 16.19 -6.10 6.63
CA HIS B 331 17.35 -6.69 5.98
C HIS B 331 17.57 -5.95 4.66
N GLN B 332 18.35 -4.87 4.71
CA GLN B 332 18.63 -4.07 3.53
C GLN B 332 19.26 -4.88 2.40
N GLN B 333 20.22 -5.73 2.75
CA GLN B 333 20.89 -6.58 1.79
C GLN B 333 19.91 -7.53 1.08
N ALA B 334 19.05 -8.20 1.84
CA ALA B 334 18.10 -9.16 1.24
C ALA B 334 17.06 -8.47 0.33
N LEU B 335 16.62 -7.27 0.70
CA LEU B 335 15.67 -6.56 -0.15
C LEU B 335 16.37 -6.26 -1.48
N GLN B 336 17.59 -5.73 -1.43
CA GLN B 336 18.35 -5.41 -2.65
C GLN B 336 18.56 -6.66 -3.52
N GLU B 337 18.83 -7.79 -2.88
CA GLU B 337 19.03 -9.01 -3.63
C GLU B 337 17.76 -9.40 -4.34
N TYR B 338 16.63 -9.29 -3.64
CA TYR B 338 15.34 -9.63 -4.24
C TYR B 338 15.06 -8.79 -5.48
N ILE B 339 15.20 -7.48 -5.33
CA ILE B 339 14.93 -6.55 -6.42
C ILE B 339 15.87 -6.76 -7.61
N LEU B 340 17.17 -6.72 -7.36
CA LEU B 340 18.16 -6.88 -8.43
C LEU B 340 18.06 -8.23 -9.15
N MET B 341 17.92 -9.31 -8.39
CA MET B 341 17.83 -10.64 -8.98
C MET B 341 16.49 -11.10 -9.52
N CYS B 342 15.40 -10.64 -8.90
CA CYS B 342 14.05 -11.10 -9.29
C CYS B 342 13.09 -10.11 -9.91
N CYS B 343 13.39 -8.82 -9.84
CA CYS B 343 12.45 -7.82 -10.30
C CYS B 343 12.81 -7.01 -11.53
N GLN B 344 13.89 -7.38 -12.21
CA GLN B 344 14.25 -6.62 -13.38
C GLN B 344 13.83 -7.30 -14.66
N CYS B 345 13.23 -6.54 -15.55
CA CYS B 345 12.85 -7.06 -16.85
C CYS B 345 14.13 -6.87 -17.70
N PRO B 346 14.55 -7.92 -18.44
CA PRO B 346 15.75 -7.87 -19.29
C PRO B 346 15.69 -6.74 -20.33
N ALA B 347 14.49 -6.47 -20.84
CA ALA B 347 14.27 -5.42 -21.83
C ALA B 347 14.16 -4.02 -21.21
N GLY B 348 14.28 -3.92 -19.88
CA GLY B 348 14.16 -2.62 -19.22
C GLY B 348 12.87 -2.63 -18.40
N GLY B 349 12.83 -1.82 -17.34
CA GLY B 349 11.65 -1.80 -16.48
C GLY B 349 11.71 -2.83 -15.37
N LEU B 350 10.99 -2.58 -14.27
CA LEU B 350 10.98 -3.50 -13.14
C LEU B 350 9.60 -4.07 -12.88
N LEU B 351 9.54 -5.11 -12.05
CA LEU B 351 8.29 -5.76 -11.82
C LEU B 351 7.97 -6.25 -10.41
N ASP B 352 6.78 -6.83 -10.31
CA ASP B 352 6.22 -7.38 -9.10
C ASP B 352 7.06 -8.57 -8.65
N LYS B 353 7.14 -9.61 -9.47
CA LYS B 353 7.92 -10.80 -9.16
C LYS B 353 8.15 -11.55 -10.48
N PRO B 354 9.05 -12.57 -10.48
CA PRO B 354 9.30 -13.32 -11.71
C PRO B 354 8.01 -13.89 -12.30
N GLY B 355 7.84 -13.71 -13.61
CA GLY B 355 6.63 -14.20 -14.25
C GLY B 355 5.62 -13.10 -14.50
N LYS B 356 5.81 -11.94 -13.85
CA LYS B 356 4.92 -10.80 -14.04
C LYS B 356 5.55 -9.89 -15.06
N SER B 357 4.73 -9.07 -15.71
CA SER B 357 5.23 -8.15 -16.71
C SER B 357 5.54 -6.79 -16.11
N ARG B 358 6.49 -6.08 -16.71
CA ARG B 358 6.92 -4.78 -16.26
C ARG B 358 5.82 -3.74 -16.43
N ASP B 359 5.95 -2.63 -15.72
CA ASP B 359 5.03 -1.50 -15.85
C ASP B 359 5.72 -0.35 -15.14
N PHE B 360 5.31 0.88 -15.42
CA PHE B 360 5.97 2.01 -14.81
C PHE B 360 5.77 2.15 -13.31
N TYR B 361 4.64 1.64 -12.82
CA TYR B 361 4.34 1.69 -11.39
C TYR B 361 5.38 0.85 -10.62
N HIS B 362 5.63 -0.37 -11.07
CA HIS B 362 6.59 -1.23 -10.40
C HIS B 362 8.00 -0.73 -10.63
N THR B 363 8.23 -0.10 -11.78
CA THR B 363 9.55 0.44 -12.07
C THR B 363 9.85 1.55 -11.04
N CYS B 364 8.85 2.39 -10.79
CA CYS B 364 8.99 3.50 -9.85
C CYS B 364 9.19 3.03 -8.41
N TYR B 365 8.38 2.07 -7.98
CA TYR B 365 8.44 1.60 -6.59
C TYR B 365 9.51 0.61 -6.25
N CYS B 366 9.95 -0.20 -7.22
CA CYS B 366 11.06 -1.12 -7.00
C CYS B 366 12.33 -0.27 -6.84
N LEU B 367 12.51 0.70 -7.71
CA LEU B 367 13.68 1.57 -7.64
C LEU B 367 13.67 2.38 -6.35
N SER B 368 12.50 2.91 -5.97
CA SER B 368 12.34 3.69 -4.74
C SER B 368 12.76 2.82 -3.54
N GLY B 369 12.26 1.58 -3.51
CA GLY B 369 12.59 0.66 -2.44
C GLY B 369 14.08 0.35 -2.46
N LEU B 370 14.66 0.21 -3.64
CA LEU B 370 16.09 -0.08 -3.74
C LEU B 370 16.91 1.04 -3.12
N SER B 371 16.54 2.29 -3.42
CA SER B 371 17.22 3.47 -2.90
C SER B 371 17.13 3.51 -1.38
N ILE B 372 15.95 3.24 -0.84
CA ILE B 372 15.75 3.20 0.61
C ILE B 372 16.73 2.17 1.22
N ALA B 373 16.80 0.98 0.63
CA ALA B 373 17.65 -0.11 1.10
C ALA B 373 19.15 0.18 1.01
N GLN B 374 19.55 1.03 0.07
CA GLN B 374 20.96 1.37 -0.12
C GLN B 374 21.42 2.51 0.78
N HIS B 375 20.51 3.41 1.15
CA HIS B 375 20.91 4.56 1.95
C HIS B 375 20.32 4.72 3.33
N PHE B 376 21.19 4.79 4.33
CA PHE B 376 20.77 5.03 5.69
C PHE B 376 21.25 6.44 6.03
N GLY B 377 20.35 7.25 6.58
CA GLY B 377 20.71 8.62 6.94
C GLY B 377 19.92 9.05 8.15
N SER B 378 20.61 9.57 9.16
CA SER B 378 19.99 10.04 10.41
C SER B 378 20.78 11.23 10.96
N GLY B 379 20.66 12.37 10.28
CA GLY B 379 21.39 13.55 10.69
C GLY B 379 22.81 13.49 10.16
N ALA B 380 23.80 13.63 11.03
CA ALA B 380 25.21 13.58 10.62
C ALA B 380 25.60 12.15 10.17
N MET B 381 24.99 11.16 10.80
CA MET B 381 25.24 9.75 10.52
C MET B 381 24.75 9.36 9.12
N LEU B 382 25.61 8.73 8.34
CA LEU B 382 25.28 8.27 6.99
C LEU B 382 25.95 6.93 6.68
N HIS B 383 25.19 5.96 6.20
CA HIS B 383 25.80 4.68 5.86
C HIS B 383 25.12 3.98 4.69
N ASP B 384 25.87 3.73 3.62
CA ASP B 384 25.33 3.05 2.45
C ASP B 384 25.70 1.58 2.36
N VAL B 385 24.85 0.81 1.70
CA VAL B 385 25.07 -0.60 1.47
C VAL B 385 24.64 -0.79 0.01
N VAL B 386 25.62 -0.91 -0.89
CA VAL B 386 25.32 -1.10 -2.31
C VAL B 386 25.69 -2.51 -2.74
N MET B 387 24.68 -3.37 -2.87
CA MET B 387 24.88 -4.75 -3.30
C MET B 387 25.20 -4.78 -4.81
N GLY B 388 26.04 -5.72 -5.21
CA GLY B 388 26.41 -5.84 -6.61
C GLY B 388 27.41 -4.78 -7.03
N VAL B 389 27.46 -4.49 -8.33
CA VAL B 389 28.40 -3.50 -8.84
C VAL B 389 28.10 -2.13 -8.23
N PRO B 390 29.15 -1.35 -7.92
CA PRO B 390 29.00 -0.02 -7.32
C PRO B 390 28.17 0.98 -8.14
N GLU B 391 28.03 0.72 -9.44
CA GLU B 391 27.26 1.58 -10.34
C GLU B 391 25.76 1.44 -10.04
N ASN B 392 25.41 0.41 -9.27
CA ASN B 392 24.04 0.14 -8.84
C ASN B 392 23.45 1.22 -7.93
N VAL B 393 24.30 2.04 -7.33
CA VAL B 393 23.82 3.08 -6.41
C VAL B 393 22.90 4.12 -7.06
N LEU B 394 21.74 4.32 -6.43
CA LEU B 394 20.75 5.28 -6.91
C LEU B 394 20.80 6.56 -6.09
N GLN B 395 20.08 7.56 -6.54
CA GLN B 395 19.97 8.83 -5.82
C GLN B 395 18.99 8.56 -4.67
N PRO B 396 19.21 9.21 -3.51
CA PRO B 396 18.33 9.03 -2.33
C PRO B 396 16.90 9.57 -2.53
N THR B 397 15.94 9.00 -1.82
CA THR B 397 14.56 9.44 -1.95
C THR B 397 14.04 9.85 -0.56
N HIS B 398 13.24 10.90 -0.51
CA HIS B 398 12.66 11.36 0.75
C HIS B 398 11.59 10.34 1.15
N PRO B 399 11.70 9.74 2.36
CA PRO B 399 10.75 8.73 2.85
C PRO B 399 9.28 9.15 3.04
N VAL B 400 9.02 10.44 3.09
CA VAL B 400 7.64 10.91 3.23
C VAL B 400 6.99 11.17 1.87
N TYR B 401 7.70 11.89 1.00
CA TYR B 401 7.20 12.28 -0.31
C TYR B 401 7.54 11.39 -1.50
N ASN B 402 8.62 10.63 -1.35
CA ASN B 402 9.16 9.77 -2.39
C ASN B 402 9.59 10.54 -3.64
N ILE B 403 10.28 11.65 -3.39
CA ILE B 403 10.92 12.46 -4.43
C ILE B 403 12.26 12.82 -3.77
N GLY B 404 13.23 13.27 -4.55
CA GLY B 404 14.54 13.58 -4.00
C GLY B 404 14.46 14.54 -2.83
N PRO B 405 15.22 14.31 -1.73
CA PRO B 405 15.22 15.17 -0.54
C PRO B 405 15.51 16.62 -0.91
N ASP B 406 16.31 16.79 -1.95
CA ASP B 406 16.65 18.12 -2.43
C ASP B 406 15.45 18.80 -3.07
N LYS B 407 14.61 18.03 -3.76
CA LYS B 407 13.43 18.60 -4.41
C LYS B 407 12.44 19.03 -3.34
N VAL B 408 12.34 18.24 -2.29
CA VAL B 408 11.45 18.53 -1.18
C VAL B 408 11.84 19.87 -0.56
N ILE B 409 13.11 19.97 -0.17
CA ILE B 409 13.65 21.19 0.44
C ILE B 409 13.48 22.38 -0.49
N GLN B 410 13.84 22.19 -1.75
CA GLN B 410 13.74 23.26 -2.71
C GLN B 410 12.30 23.76 -2.87
N ALA B 411 11.36 22.82 -3.04
CA ALA B 411 9.96 23.17 -3.18
C ALA B 411 9.40 23.86 -1.94
N THR B 412 9.55 23.24 -0.76
CA THR B 412 9.04 23.84 0.48
C THR B 412 9.57 25.26 0.66
N THR B 413 10.88 25.44 0.49
CA THR B 413 11.51 26.75 0.61
C THR B 413 10.86 27.75 -0.32
N HIS B 414 10.64 27.34 -1.56
CA HIS B 414 10.04 28.25 -2.53
C HIS B 414 8.61 28.64 -2.18
N PHE B 415 7.81 27.69 -1.70
CA PHE B 415 6.44 27.99 -1.37
C PHE B 415 6.27 28.71 -0.04
N LEU B 416 7.29 28.65 0.81
CA LEU B 416 7.21 29.34 2.09
C LEU B 416 7.32 30.85 1.87
N GLN B 417 7.67 31.24 0.64
CA GLN B 417 7.80 32.65 0.27
C GLN B 417 6.42 33.23 0.04
N LYS B 418 5.49 32.39 -0.37
CA LYS B 418 4.14 32.84 -0.63
C LYS B 418 3.37 32.74 0.69
N PRO B 419 2.25 33.47 0.81
CA PRO B 419 1.53 33.34 2.09
C PRO B 419 0.41 32.29 1.92
N VAL B 420 0.08 31.59 3.01
CA VAL B 420 -0.99 30.59 3.00
C VAL B 420 -2.25 31.29 2.49
N PRO B 421 -2.88 30.78 1.41
CA PRO B 421 -4.08 31.40 0.84
C PRO B 421 -5.06 31.99 1.85
N GLY B 422 -5.37 33.28 1.68
CA GLY B 422 -6.27 33.98 2.57
C GLY B 422 -5.48 34.76 3.60
N PHE B 423 -4.28 34.25 3.87
CA PHE B 423 -3.27 34.75 4.82
C PHE B 423 -3.33 33.93 6.12
N LYS C 7 -2.22 -6.81 -12.42
CA LYS C 7 -1.56 -5.50 -12.15
C LYS C 7 -2.06 -4.95 -10.81
N CYS C 8 -1.29 -4.04 -10.22
CA CYS C 8 -1.66 -3.42 -8.96
C CYS C 8 -2.34 -2.08 -9.25
N VAL C 9 -3.52 -1.86 -8.69
CA VAL C 9 -4.25 -0.61 -8.91
C VAL C 9 -4.24 0.24 -7.63
N ILE C 10 -3.79 1.49 -7.73
CA ILE C 10 -3.75 2.38 -6.56
C ILE C 10 -4.79 3.50 -6.55
N MET C 11 -5.62 3.56 -7.58
CA MET C 11 -6.69 4.57 -7.67
C MET C 11 -7.70 4.11 -8.72
#